data_9KBK
#
_entry.id   9KBK
#
_cell.length_a   1.00
_cell.length_b   1.00
_cell.length_c   1.00
_cell.angle_alpha   90.00
_cell.angle_beta   90.00
_cell.angle_gamma   90.00
#
_symmetry.space_group_name_H-M   'P 1'
#
loop_
_entity.id
_entity.type
_entity.pdbx_description
1 polymer 'Probable solanesyl-diphosphate synthase 3, chloroplastic'
2 polymer 'Fibrillin protein 5 homolog'
#
loop_
_entity_poly.entity_id
_entity_poly.type
_entity_poly.pdbx_seq_one_letter_code
_entity_poly.pdbx_strand_id
1 'polypeptide(L)'
;MSVSSLLEVVADDLLKLNNNLKSLVGAENPVLVSAAEQIFGAGGKRLRPALVFLVSRATAELAGLLELTTEHQRLAEIIE
MIHTASLIHDDVIDDSGMRRGKETIHQLYGTRVAVLAGDFMFAQSSWFLANLENIEVIKLISQVIKDFASGEIKQASTLF
DCDITLDDYLLKSYYKTASLIAASTRSAAIFSGVSTAICEQMYEYGRNLGLSFQVVDDILDFTQSAEQLGKPAGSDLAKG
NLTAPVIFALQDEPQLREIIDSEFSETNSLATAIELVHRSGGIKRAHELAREKGEIAIQSLQCLPRSEFRSTLENMVKYN
LERID
;
A,C
2 'polypeptide(L)'
;EAALGDAKDALYAALEGMNRGIFGMTSEKRSEIHALVELLESKNPTPEPTDKLQDKVDGCWRLVYSTISILGKKRTKLGL
RDFISLGDFFQMIDVKEEKAVNVIKFSARALKILSGQLTIEASYKITTKTKVDITLDSSTITPDQLMNIFQKNYDMLLAI
FNPEGWLEITYVDESLRIGRDDKANIFVLERADPSEV
;
B,D
#
# COMPACT_ATOMS: atom_id res chain seq x y z
N MET A 1 2.57 -0.84 38.47
CA MET A 1 2.07 0.52 38.49
C MET A 1 2.80 1.40 37.48
N SER A 2 3.76 0.81 36.79
CA SER A 2 4.52 1.55 35.79
C SER A 2 5.14 0.57 34.81
N VAL A 3 5.19 0.96 33.52
CA VAL A 3 5.62 0.05 32.47
C VAL A 3 7.06 -0.37 32.68
N SER A 4 7.94 0.60 32.94
CA SER A 4 9.36 0.30 33.05
C SER A 4 9.64 -0.56 34.28
N SER A 5 8.99 -0.26 35.39
CA SER A 5 9.17 -1.06 36.59
C SER A 5 8.76 -2.50 36.35
N LEU A 6 7.75 -2.70 35.51
CA LEU A 6 7.36 -4.05 35.13
C LEU A 6 8.42 -4.71 34.26
N LEU A 7 8.85 -4.03 33.21
CA LEU A 7 9.68 -4.65 32.20
C LEU A 7 11.14 -4.82 32.63
N GLU A 8 11.58 -4.15 33.68
CA GLU A 8 13.00 -4.16 34.03
C GLU A 8 13.52 -5.55 34.36
N VAL A 9 12.65 -6.52 34.64
CA VAL A 9 13.13 -7.84 35.00
C VAL A 9 13.71 -8.56 33.79
N VAL A 10 13.25 -8.23 32.59
CA VAL A 10 13.72 -8.91 31.39
C VAL A 10 14.33 -7.93 30.41
N ALA A 11 14.97 -6.88 30.93
CA ALA A 11 15.40 -5.78 30.08
C ALA A 11 16.53 -6.19 29.14
N ASP A 12 17.46 -7.01 29.62
CA ASP A 12 18.63 -7.34 28.81
C ASP A 12 18.27 -8.14 27.56
N ASP A 13 17.35 -9.09 27.71
CA ASP A 13 16.89 -9.84 26.54
C ASP A 13 16.23 -8.92 25.53
N LEU A 14 15.46 -7.94 26.01
CA LEU A 14 14.80 -7.01 25.09
C LEU A 14 15.84 -6.17 24.37
N LEU A 15 16.89 -5.76 25.06
CA LEU A 15 17.97 -5.04 24.41
C LEU A 15 18.59 -5.87 23.29
N LYS A 16 18.90 -7.12 23.59
CA LYS A 16 19.47 -8.01 22.56
C LYS A 16 18.52 -8.14 21.38
N LEU A 17 17.22 -8.27 21.65
CA LEU A 17 16.25 -8.46 20.59
C LEU A 17 16.16 -7.23 19.71
N ASN A 18 16.17 -6.05 20.32
CA ASN A 18 16.15 -4.82 19.54
C ASN A 18 17.37 -4.73 18.65
N ASN A 19 18.55 -5.06 19.19
CA ASN A 19 19.76 -5.03 18.37
C ASN A 19 19.64 -5.98 17.19
N ASN A 20 19.18 -7.21 17.45
CA ASN A 20 19.05 -8.19 16.37
C ASN A 20 18.09 -7.72 15.30
N LEU A 21 16.93 -7.20 15.72
CA LEU A 21 15.94 -6.72 14.76
C LEU A 21 16.51 -5.60 13.92
N LYS A 22 17.20 -4.65 14.55
CA LYS A 22 17.80 -3.56 13.79
C LYS A 22 18.78 -4.09 12.76
N SER A 23 19.68 -4.96 13.17
CA SER A 23 20.66 -5.50 12.21
C SER A 23 19.99 -6.31 11.12
N LEU A 24 18.86 -6.93 11.40
CA LEU A 24 18.20 -7.77 10.42
C LEU A 24 17.54 -6.96 9.32
N VAL A 25 16.60 -6.09 9.69
CA VAL A 25 15.89 -5.29 8.69
C VAL A 25 16.83 -4.23 8.15
N GLY A 26 16.71 -3.95 6.86
CA GLY A 26 17.43 -2.85 6.25
C GLY A 26 18.93 -2.96 6.39
N ALA A 27 19.46 -4.18 6.28
CA ALA A 27 20.90 -4.34 6.29
C ALA A 27 21.51 -3.52 5.16
N GLU A 28 22.26 -2.48 5.55
CA GLU A 28 23.07 -1.65 4.65
C GLU A 28 22.26 -0.71 3.78
N ASN A 29 20.93 -0.78 3.81
CA ASN A 29 20.15 0.16 3.02
C ASN A 29 19.87 1.42 3.83
N PRO A 30 20.25 2.60 3.34
CA PRO A 30 20.17 3.80 4.17
C PRO A 30 18.76 4.19 4.57
N VAL A 31 17.88 4.39 3.59
CA VAL A 31 16.51 4.81 3.91
C VAL A 31 15.85 3.77 4.81
N LEU A 32 16.10 2.49 4.56
CA LEU A 32 15.55 1.48 5.43
C LEU A 32 16.29 1.38 6.75
N VAL A 33 17.55 1.80 6.83
CA VAL A 33 18.18 1.87 8.15
C VAL A 33 17.49 2.92 9.02
N SER A 34 17.21 4.09 8.44
CA SER A 34 16.49 5.11 9.21
C SER A 34 15.10 4.64 9.58
N ALA A 35 14.38 4.06 8.62
CA ALA A 35 13.05 3.54 8.90
C ALA A 35 13.10 2.49 9.99
N ALA A 36 14.12 1.62 9.94
CA ALA A 36 14.25 0.56 10.93
C ALA A 36 14.45 1.14 12.31
N GLU A 37 15.36 2.11 12.43
CA GLU A 37 15.58 2.73 13.73
C GLU A 37 14.30 3.34 14.27
N GLN A 38 13.55 4.01 13.41
CA GLN A 38 12.33 4.67 13.87
C GLN A 38 11.26 3.65 14.24
N ILE A 39 11.20 2.54 13.52
CA ILE A 39 10.06 1.63 13.62
C ILE A 39 10.06 0.89 14.95
N PHE A 40 11.20 0.29 15.31
CA PHE A 40 11.29 -0.49 16.54
C PHE A 40 11.59 0.35 17.76
N GLY A 41 11.81 1.65 17.60
CA GLY A 41 12.16 2.51 18.71
C GLY A 41 13.36 1.99 19.47
N ALA A 42 13.30 2.06 20.80
CA ALA A 42 14.37 1.54 21.64
C ALA A 42 13.76 1.00 22.92
N GLY A 43 13.94 -0.30 23.14
CA GLY A 43 13.31 -0.94 24.27
C GLY A 43 11.80 -0.77 24.24
N GLY A 44 11.16 -0.94 25.39
CA GLY A 44 9.73 -0.70 25.49
C GLY A 44 8.95 -1.51 24.49
N LYS A 45 7.73 -1.04 24.19
CA LYS A 45 6.77 -1.70 23.31
C LYS A 45 6.79 -3.20 23.53
N ARG A 46 7.04 -3.59 24.77
CA ARG A 46 7.52 -4.93 25.05
C ARG A 46 6.42 -5.89 25.44
N LEU A 47 5.20 -5.41 25.64
CA LEU A 47 4.12 -6.25 26.17
C LEU A 47 4.16 -7.65 25.61
N ARG A 48 4.13 -7.76 24.29
CA ARG A 48 4.11 -9.09 23.67
C ARG A 48 5.46 -9.80 23.79
N PRO A 49 6.59 -9.22 23.36
CA PRO A 49 7.86 -9.93 23.55
C PRO A 49 8.22 -10.15 25.01
N ALA A 50 7.94 -9.18 25.88
CA ALA A 50 8.25 -9.37 27.28
C ALA A 50 7.39 -10.48 27.89
N LEU A 51 6.13 -10.54 27.48
CA LEU A 51 5.29 -11.66 27.90
C LEU A 51 5.90 -12.99 27.48
N VAL A 52 6.38 -13.05 26.23
CA VAL A 52 7.01 -14.27 25.75
C VAL A 52 8.17 -14.66 26.65
N PHE A 53 9.03 -13.70 26.95
CA PHE A 53 10.23 -14.01 27.73
C PHE A 53 9.87 -14.42 29.15
N LEU A 54 8.88 -13.77 29.75
CA LEU A 54 8.47 -14.11 31.11
C LEU A 54 7.92 -15.52 31.19
N VAL A 55 7.00 -15.86 30.29
CA VAL A 55 6.45 -17.21 30.31
C VAL A 55 7.53 -18.23 30.03
N SER A 56 8.45 -17.90 29.13
CA SER A 56 9.57 -18.79 28.86
C SER A 56 10.34 -19.09 30.12
N ARG A 57 10.72 -18.06 30.86
CA ARG A 57 11.54 -18.29 32.04
C ARG A 57 10.77 -19.05 33.12
N ALA A 58 9.48 -18.73 33.28
CA ALA A 58 8.70 -19.43 34.30
C ALA A 58 8.59 -20.92 33.99
N THR A 59 8.18 -21.25 32.78
CA THR A 59 8.05 -22.65 32.41
C THR A 59 9.41 -23.35 32.36
N ALA A 60 10.48 -22.63 32.03
CA ALA A 60 11.79 -23.25 32.03
C ALA A 60 12.24 -23.56 33.45
N GLU A 61 11.97 -22.65 34.39
CA GLU A 61 12.26 -22.92 35.79
C GLU A 61 11.46 -24.12 36.27
N LEU A 62 10.22 -24.25 35.85
CA LEU A 62 9.43 -25.41 36.22
C LEU A 62 10.03 -26.69 35.61
N ALA A 63 10.43 -26.64 34.35
CA ALA A 63 10.93 -27.80 33.64
C ALA A 63 12.41 -28.02 33.85
N GLY A 64 13.03 -27.29 34.75
CA GLY A 64 14.39 -27.59 35.14
C GLY A 64 15.45 -27.28 34.10
N LEU A 65 15.14 -26.50 33.08
CA LEU A 65 16.18 -26.05 32.17
C LEU A 65 17.14 -25.11 32.90
N LEU A 66 18.20 -24.72 32.20
CA LEU A 66 19.18 -23.81 32.77
C LEU A 66 19.26 -22.47 32.06
N GLU A 67 18.79 -22.38 30.83
CA GLU A 67 18.82 -21.12 30.10
C GLU A 67 17.90 -21.24 28.89
N LEU A 68 17.58 -20.10 28.32
CA LEU A 68 16.68 -20.05 27.19
C LEU A 68 17.35 -20.63 25.95
N THR A 69 16.64 -21.50 25.25
CA THR A 69 17.15 -21.95 23.97
C THR A 69 17.05 -20.82 22.95
N THR A 70 17.75 -20.99 21.83
CA THR A 70 17.68 -20.01 20.77
C THR A 70 16.31 -19.95 20.12
N GLU A 71 15.55 -21.05 20.19
CA GLU A 71 14.23 -21.06 19.62
C GLU A 71 13.30 -20.09 20.32
N HIS A 72 13.48 -19.91 21.64
CA HIS A 72 12.68 -18.93 22.35
C HIS A 72 12.93 -17.52 21.82
N GLN A 73 14.19 -17.19 21.58
CA GLN A 73 14.52 -15.88 21.03
C GLN A 73 13.92 -15.71 19.64
N ARG A 74 14.05 -16.73 18.80
CA ARG A 74 13.44 -16.69 17.48
C ARG A 74 11.93 -16.45 17.58
N LEU A 75 11.29 -17.11 18.53
CA LEU A 75 9.85 -16.97 18.70
C LEU A 75 9.47 -15.54 19.08
N ALA A 76 10.22 -14.96 20.01
CA ALA A 76 9.98 -13.57 20.38
C ALA A 76 10.10 -12.65 19.18
N GLU A 77 11.16 -12.84 18.39
CA GLU A 77 11.35 -12.01 17.21
C GLU A 77 10.19 -12.16 16.24
N ILE A 78 9.72 -13.39 16.04
CA ILE A 78 8.62 -13.65 15.13
C ILE A 78 7.38 -12.88 15.57
N ILE A 79 7.06 -12.97 16.86
CA ILE A 79 5.87 -12.28 17.37
C ILE A 79 5.98 -10.79 17.16
N GLU A 80 7.14 -10.23 17.51
CA GLU A 80 7.34 -8.79 17.38
C GLU A 80 7.18 -8.34 15.93
N MET A 81 7.79 -9.07 15.00
CA MET A 81 7.73 -8.68 13.60
C MET A 81 6.31 -8.75 13.07
N ILE A 82 5.56 -9.78 13.44
CA ILE A 82 4.19 -9.89 12.96
C ILE A 82 3.36 -8.72 13.47
N HIS A 83 3.49 -8.38 14.75
CA HIS A 83 2.69 -7.29 15.30
C HIS A 83 3.03 -5.97 14.62
N THR A 84 4.32 -5.70 14.43
CA THR A 84 4.73 -4.46 13.80
C THR A 84 4.20 -4.35 12.37
N ALA A 85 4.31 -5.43 11.60
CA ALA A 85 3.82 -5.40 10.23
C ALA A 85 2.32 -5.16 10.19
N SER A 86 1.59 -5.81 11.10
CA SER A 86 0.14 -5.61 11.18
C SER A 86 -0.18 -4.15 11.40
N LEU A 87 0.51 -3.51 12.36
CA LEU A 87 0.25 -2.10 12.63
C LEU A 87 0.53 -1.22 11.42
N ILE A 88 1.66 -1.46 10.75
CA ILE A 88 2.01 -0.64 9.59
C ILE A 88 0.94 -0.74 8.51
N HIS A 89 0.56 -1.96 8.16
CA HIS A 89 -0.41 -2.13 7.09
C HIS A 89 -1.77 -1.58 7.49
N ASP A 90 -2.12 -1.70 8.76
CA ASP A 90 -3.38 -1.12 9.23
C ASP A 90 -3.37 0.39 9.09
N ASP A 91 -2.22 1.01 9.32
CA ASP A 91 -2.10 2.44 9.07
C ASP A 91 -2.36 2.80 7.62
N VAL A 92 -1.75 2.08 6.68
CA VAL A 92 -1.97 2.39 5.27
C VAL A 92 -3.43 2.16 4.89
N ILE A 93 -4.03 1.09 5.39
CA ILE A 93 -5.45 0.85 5.21
C ILE A 93 -6.22 1.92 5.97
N ASP A 94 -7.44 2.19 5.52
CA ASP A 94 -8.38 3.11 6.17
C ASP A 94 -7.80 4.49 6.40
N ASP A 95 -6.63 4.74 5.80
CA ASP A 95 -6.10 6.06 5.52
C ASP A 95 -6.41 7.10 6.58
N SER A 96 -6.11 6.81 7.84
CA SER A 96 -6.32 7.78 8.90
C SER A 96 -4.95 8.28 9.35
N GLY A 97 -4.94 9.39 10.08
CA GLY A 97 -3.70 10.08 10.38
C GLY A 97 -3.36 10.15 11.85
N MET A 98 -2.06 10.36 12.11
CA MET A 98 -1.54 10.57 13.49
C MET A 98 -1.59 9.30 14.32
N ARG A 99 -0.43 8.74 14.60
CA ARG A 99 -0.41 7.56 15.51
C ARG A 99 -0.03 8.15 16.88
N ARG A 100 -1.01 8.29 17.78
CA ARG A 100 -0.68 9.00 19.04
C ARG A 100 0.08 10.23 18.54
N GLY A 101 -0.44 10.84 17.47
CA GLY A 101 0.29 11.94 16.83
C GLY A 101 1.49 11.36 16.14
N LYS A 102 2.37 10.74 16.91
CA LYS A 102 3.61 10.22 16.30
C LYS A 102 3.25 9.81 14.88
N GLU A 103 3.52 10.69 13.94
CA GLU A 103 3.11 10.40 12.57
C GLU A 103 3.51 8.97 12.28
N THR A 104 2.71 8.31 11.48
CA THR A 104 2.97 6.93 11.15
C THR A 104 4.00 6.86 10.06
N ILE A 105 4.50 5.66 9.79
CA ILE A 105 5.60 5.53 8.82
C ILE A 105 5.02 5.89 7.45
N HIS A 106 3.72 5.79 7.32
CA HIS A 106 3.14 6.03 6.02
C HIS A 106 3.23 7.50 5.65
N GLN A 107 3.11 8.38 6.63
CA GLN A 107 3.27 9.80 6.39
C GLN A 107 4.74 10.18 6.31
N LEU A 108 5.56 9.62 7.19
CA LEU A 108 6.96 10.01 7.24
C LEU A 108 7.72 9.55 6.02
N TYR A 109 7.49 8.32 5.57
CA TYR A 109 8.31 7.73 4.52
C TYR A 109 7.54 7.44 3.24
N GLY A 110 6.22 7.52 3.25
CA GLY A 110 5.46 7.32 2.04
C GLY A 110 4.94 5.92 1.88
N THR A 111 4.03 5.75 0.91
CA THR A 111 3.32 4.49 0.75
C THR A 111 4.26 3.37 0.28
N ARG A 112 5.13 3.67 -0.67
CA ARG A 112 6.01 2.64 -1.23
C ARG A 112 6.84 1.98 -0.14
N VAL A 113 7.52 2.79 0.67
CA VAL A 113 8.38 2.25 1.72
C VAL A 113 7.58 1.43 2.70
N ALA A 114 6.39 1.91 3.06
CA ALA A 114 5.58 1.21 4.04
C ALA A 114 5.19 -0.17 3.55
N VAL A 115 4.67 -0.24 2.31
CA VAL A 115 4.25 -1.53 1.77
C VAL A 115 5.44 -2.47 1.65
N LEU A 116 6.57 -1.94 1.16
CA LEU A 116 7.76 -2.76 1.01
C LEU A 116 8.24 -3.30 2.35
N ALA A 117 8.23 -2.47 3.38
CA ALA A 117 8.70 -2.89 4.69
C ALA A 117 7.77 -3.91 5.32
N GLY A 118 6.47 -3.70 5.18
CA GLY A 118 5.53 -4.70 5.67
C GLY A 118 5.75 -6.05 5.03
N ASP A 119 5.94 -6.05 3.71
CA ASP A 119 6.21 -7.30 3.02
C ASP A 119 7.49 -7.94 3.51
N PHE A 120 8.54 -7.14 3.69
CA PHE A 120 9.81 -7.67 4.15
C PHE A 120 9.67 -8.33 5.51
N MET A 121 8.94 -7.69 6.42
CA MET A 121 8.79 -8.25 7.75
C MET A 121 7.99 -9.55 7.72
N PHE A 122 6.90 -9.58 6.95
CA PHE A 122 6.12 -10.81 6.81
C PHE A 122 7.00 -11.94 6.28
N ALA A 123 7.79 -11.66 5.25
CA ALA A 123 8.61 -12.69 4.64
C ALA A 123 9.65 -13.23 5.60
N GLN A 124 10.33 -12.33 6.32
CA GLN A 124 11.33 -12.78 7.28
C GLN A 124 10.71 -13.62 8.37
N SER A 125 9.54 -13.22 8.85
CA SER A 125 8.87 -14.00 9.88
C SER A 125 8.53 -15.40 9.37
N SER A 126 8.07 -15.50 8.12
CA SER A 126 7.79 -16.81 7.55
C SER A 126 9.05 -17.67 7.50
N TRP A 127 10.17 -17.07 7.10
CA TRP A 127 11.41 -17.82 6.99
C TRP A 127 11.86 -18.36 8.35
N PHE A 128 11.83 -17.50 9.37
CA PHE A 128 12.20 -17.95 10.71
C PHE A 128 11.25 -19.03 11.22
N LEU A 129 9.96 -18.84 10.98
CA LEU A 129 8.97 -19.83 11.39
C LEU A 129 9.28 -21.19 10.79
N ALA A 130 9.56 -21.22 9.48
CA ALA A 130 9.91 -22.48 8.86
C ALA A 130 11.19 -23.05 9.45
N ASN A 131 12.14 -22.21 9.83
CA ASN A 131 13.36 -22.70 10.44
C ASN A 131 13.13 -23.27 11.83
N LEU A 132 12.04 -22.90 12.51
CA LEU A 132 11.79 -23.41 13.86
C LEU A 132 11.74 -24.94 13.89
N GLU A 133 11.18 -25.55 12.85
CA GLU A 133 11.09 -27.01 12.73
C GLU A 133 10.17 -27.67 13.76
N ASN A 134 8.97 -27.15 13.92
CA ASN A 134 7.95 -27.79 14.75
C ASN A 134 6.59 -27.52 14.13
N ILE A 135 6.00 -28.56 13.55
CA ILE A 135 4.86 -28.37 12.64
C ILE A 135 3.64 -27.82 13.38
N GLU A 136 3.48 -28.17 14.66
CA GLU A 136 2.31 -27.72 15.40
C GLU A 136 2.35 -26.22 15.66
N VAL A 137 3.51 -25.70 16.05
CA VAL A 137 3.65 -24.27 16.26
C VAL A 137 3.43 -23.52 14.96
N ILE A 138 3.94 -24.06 13.85
CA ILE A 138 3.72 -23.44 12.56
C ILE A 138 2.23 -23.36 12.26
N LYS A 139 1.51 -24.45 12.52
CA LYS A 139 0.06 -24.44 12.31
C LYS A 139 -0.61 -23.34 13.13
N LEU A 140 -0.21 -23.21 14.39
CA LEU A 140 -0.80 -22.17 15.24
C LEU A 140 -0.59 -20.78 14.66
N ILE A 141 0.66 -20.45 14.32
CA ILE A 141 0.96 -19.10 13.86
C ILE A 141 0.27 -18.81 12.53
N SER A 142 0.21 -19.82 11.66
CA SER A 142 -0.48 -19.63 10.39
C SER A 142 -1.95 -19.35 10.61
N GLN A 143 -2.57 -20.08 11.53
CA GLN A 143 -3.95 -19.82 11.90
C GLN A 143 -4.13 -18.37 12.34
N VAL A 144 -3.19 -17.86 13.13
CA VAL A 144 -3.30 -16.48 13.61
C VAL A 144 -3.29 -15.51 12.44
N ILE A 145 -2.36 -15.68 11.51
CA ILE A 145 -2.27 -14.76 10.38
C ILE A 145 -3.54 -14.79 9.55
N LYS A 146 -4.04 -15.99 9.26
CA LYS A 146 -5.24 -16.10 8.44
C LYS A 146 -6.42 -15.47 9.12
N ASP A 147 -6.54 -15.65 10.44
CA ASP A 147 -7.66 -15.05 11.15
C ASP A 147 -7.58 -13.54 11.12
N PHE A 148 -6.38 -12.97 11.22
CA PHE A 148 -6.27 -11.53 11.14
C PHE A 148 -6.74 -11.01 9.78
N ALA A 149 -6.30 -11.67 8.71
CA ALA A 149 -6.72 -11.23 7.38
C ALA A 149 -8.24 -11.31 7.23
N SER A 150 -8.82 -12.44 7.65
CA SER A 150 -10.26 -12.61 7.55
C SER A 150 -10.99 -11.56 8.36
N GLY A 151 -10.50 -11.24 9.55
CA GLY A 151 -11.17 -10.23 10.37
C GLY A 151 -11.13 -8.87 9.72
N GLU A 152 -9.99 -8.51 9.12
CA GLU A 152 -9.93 -7.26 8.38
C GLU A 152 -10.99 -7.21 7.30
N ILE A 153 -11.09 -8.28 6.51
CA ILE A 153 -12.06 -8.29 5.42
C ILE A 153 -13.49 -8.20 5.96
N LYS A 154 -13.76 -8.88 7.06
CA LYS A 154 -15.11 -8.96 7.58
C LYS A 154 -15.57 -7.69 8.28
N GLN A 155 -14.64 -6.94 8.88
CA GLN A 155 -15.05 -5.74 9.61
C GLN A 155 -15.69 -4.71 8.70
N ALA A 156 -15.35 -4.72 7.41
CA ALA A 156 -15.96 -3.76 6.49
C ALA A 156 -17.44 -4.03 6.30
N SER A 157 -17.86 -5.29 6.34
CA SER A 157 -19.24 -5.63 6.07
C SER A 157 -20.15 -5.46 7.28
N THR A 158 -19.61 -5.12 8.43
CA THR A 158 -20.42 -5.01 9.64
C THR A 158 -20.49 -3.57 10.16
N LEU A 159 -20.19 -2.59 9.33
CA LEU A 159 -20.24 -1.21 9.76
C LEU A 159 -21.68 -0.78 10.03
N PHE A 160 -21.89 -0.11 11.15
CA PHE A 160 -23.17 0.47 11.53
C PHE A 160 -24.26 -0.57 11.76
N ASP A 161 -23.90 -1.83 11.97
CA ASP A 161 -24.91 -2.84 12.22
C ASP A 161 -25.58 -2.60 13.56
N CYS A 162 -26.83 -2.14 13.52
CA CYS A 162 -27.53 -1.67 14.71
C CYS A 162 -27.94 -2.80 15.64
N ASP A 163 -27.56 -4.03 15.35
CA ASP A 163 -27.88 -5.10 16.28
C ASP A 163 -26.75 -6.13 16.09
N ILE A 164 -25.98 -6.32 17.15
CA ILE A 164 -24.90 -7.29 17.19
C ILE A 164 -24.76 -7.73 18.64
N THR A 165 -24.26 -8.94 18.82
CA THR A 165 -24.23 -9.51 20.17
C THR A 165 -22.87 -9.30 20.81
N LEU A 166 -22.81 -9.59 22.11
CA LEU A 166 -21.56 -9.53 22.84
C LEU A 166 -20.58 -10.58 22.33
N ASP A 167 -21.10 -11.75 21.94
CA ASP A 167 -20.24 -12.80 21.43
C ASP A 167 -19.56 -12.40 20.14
N ASP A 168 -20.29 -11.71 19.26
CA ASP A 168 -19.69 -11.28 18.00
C ASP A 168 -18.57 -10.28 18.25
N TYR A 169 -18.80 -9.33 19.14
CA TYR A 169 -17.76 -8.37 19.47
C TYR A 169 -16.56 -9.06 20.09
N LEU A 170 -16.79 -10.02 20.98
CA LEU A 170 -15.70 -10.76 21.58
C LEU A 170 -14.90 -11.53 20.54
N LEU A 171 -15.58 -12.10 19.54
CA LEU A 171 -14.87 -12.89 18.55
C LEU A 171 -14.11 -11.99 17.58
N LYS A 172 -14.66 -10.83 17.25
CA LYS A 172 -13.92 -9.87 16.45
C LYS A 172 -12.67 -9.39 17.18
N SER A 173 -12.80 -9.10 18.48
CA SER A 173 -11.64 -8.70 19.25
C SER A 173 -10.64 -9.84 19.38
N TYR A 174 -11.12 -11.07 19.45
CA TYR A 174 -10.22 -12.23 19.46
C TYR A 174 -9.39 -12.27 18.18
N TYR A 175 -10.05 -12.08 17.04
CA TYR A 175 -9.30 -12.05 15.79
C TYR A 175 -8.38 -10.85 15.72
N LYS A 176 -8.70 -9.77 16.42
CA LYS A 176 -7.88 -8.57 16.33
C LYS A 176 -6.60 -8.70 17.16
N THR A 177 -6.72 -9.07 18.42
CA THR A 177 -5.50 -9.06 19.23
C THR A 177 -5.24 -10.34 20.00
N ALA A 178 -6.27 -10.98 20.54
CA ALA A 178 -6.04 -12.02 21.54
C ALA A 178 -5.34 -13.24 20.97
N SER A 179 -5.60 -13.55 19.70
CA SER A 179 -5.04 -14.76 19.12
C SER A 179 -3.51 -14.72 19.13
N LEU A 180 -2.93 -13.55 18.86
CA LEU A 180 -1.48 -13.45 18.82
C LEU A 180 -0.87 -13.74 20.17
N ILE A 181 -1.38 -13.12 21.21
CA ILE A 181 -0.82 -13.30 22.55
C ILE A 181 -1.04 -14.73 23.05
N ALA A 182 -2.22 -15.28 22.77
CA ALA A 182 -2.48 -16.65 23.17
C ALA A 182 -1.54 -17.62 22.49
N ALA A 183 -1.40 -17.50 21.17
CA ALA A 183 -0.49 -18.36 20.44
C ALA A 183 0.93 -18.21 20.94
N SER A 184 1.34 -16.99 21.27
CA SER A 184 2.69 -16.77 21.74
C SER A 184 2.93 -17.51 23.04
N THR A 185 2.03 -17.38 24.00
CA THR A 185 2.23 -18.06 25.29
C THR A 185 2.24 -19.57 25.10
N ARG A 186 1.32 -20.09 24.30
CA ARG A 186 1.28 -21.55 24.13
C ARG A 186 2.52 -22.06 23.44
N SER A 187 3.00 -21.34 22.42
CA SER A 187 4.19 -21.78 21.71
C SER A 187 5.41 -21.73 22.62
N ALA A 188 5.51 -20.69 23.45
CA ALA A 188 6.60 -20.63 24.40
C ALA A 188 6.58 -21.83 25.33
N ALA A 189 5.41 -22.17 25.85
CA ALA A 189 5.31 -23.32 26.73
C ALA A 189 5.70 -24.60 26.01
N ILE A 190 5.30 -24.75 24.74
CA ILE A 190 5.65 -25.95 23.98
C ILE A 190 7.17 -26.06 23.83
N PHE A 191 7.81 -24.95 23.46
CA PHE A 191 9.27 -24.98 23.33
C PHE A 191 9.95 -25.23 24.67
N SER A 192 9.33 -24.85 25.77
CA SER A 192 9.91 -25.16 27.06
C SER A 192 9.73 -26.62 27.45
N GLY A 193 8.79 -27.33 26.83
CA GLY A 193 8.64 -28.74 27.11
C GLY A 193 8.01 -29.02 28.46
N VAL A 194 6.75 -28.63 28.63
CA VAL A 194 6.04 -28.90 29.88
C VAL A 194 4.83 -29.74 29.51
N SER A 195 4.03 -30.13 30.50
CA SER A 195 2.87 -30.97 30.24
C SER A 195 1.85 -30.23 29.37
N THR A 196 0.86 -30.97 28.92
CA THR A 196 -0.13 -30.42 27.99
C THR A 196 -1.17 -29.56 28.70
N ALA A 197 -1.64 -30.01 29.86
CA ALA A 197 -2.66 -29.24 30.57
C ALA A 197 -2.15 -27.86 30.93
N ILE A 198 -0.87 -27.75 31.30
CA ILE A 198 -0.31 -26.45 31.61
C ILE A 198 -0.28 -25.59 30.36
N CYS A 199 -0.03 -26.19 29.19
CA CYS A 199 -0.09 -25.42 27.96
C CYS A 199 -1.49 -24.91 27.69
N GLU A 200 -2.50 -25.71 27.97
CA GLU A 200 -3.88 -25.23 27.82
C GLU A 200 -4.16 -24.08 28.77
N GLN A 201 -3.69 -24.19 30.00
CA GLN A 201 -3.84 -23.09 30.96
C GLN A 201 -3.20 -21.82 30.45
N MET A 202 -1.99 -21.93 29.91
CA MET A 202 -1.30 -20.76 29.39
C MET A 202 -2.05 -20.16 28.21
N TYR A 203 -2.61 -21.01 27.36
CA TYR A 203 -3.43 -20.53 26.26
C TYR A 203 -4.60 -19.72 26.77
N GLU A 204 -5.28 -20.22 27.80
CA GLU A 204 -6.40 -19.47 28.38
C GLU A 204 -5.94 -18.15 28.96
N TYR A 205 -4.78 -18.15 29.63
CA TYR A 205 -4.24 -16.90 30.16
C TYR A 205 -4.05 -15.88 29.07
N GLY A 206 -3.39 -16.27 27.98
CA GLY A 206 -3.16 -15.35 26.88
C GLY A 206 -4.46 -14.81 26.31
N ARG A 207 -5.43 -15.71 26.09
CA ARG A 207 -6.72 -15.29 25.57
C ARG A 207 -7.34 -14.20 26.43
N ASN A 208 -7.44 -14.47 27.73
CA ASN A 208 -8.17 -13.54 28.59
C ASN A 208 -7.43 -12.22 28.75
N LEU A 209 -6.09 -12.27 28.78
CA LEU A 209 -5.34 -11.02 28.87
C LEU A 209 -5.53 -10.17 27.63
N GLY A 210 -5.50 -10.79 26.45
CA GLY A 210 -5.73 -10.03 25.23
C GLY A 210 -7.11 -9.39 25.21
N LEU A 211 -8.12 -10.15 25.63
CA LEU A 211 -9.47 -9.60 25.66
C LEU A 211 -9.54 -8.41 26.60
N SER A 212 -8.91 -8.51 27.77
CA SER A 212 -8.91 -7.40 28.71
C SER A 212 -8.27 -6.16 28.11
N PHE A 213 -7.08 -6.31 27.52
CA PHE A 213 -6.46 -5.18 26.83
C PHE A 213 -7.39 -4.52 25.85
N GLN A 214 -8.00 -5.30 24.95
CA GLN A 214 -8.80 -4.70 23.90
C GLN A 214 -9.98 -3.93 24.49
N VAL A 215 -10.67 -4.53 25.46
CA VAL A 215 -11.83 -3.86 26.06
C VAL A 215 -11.41 -2.57 26.73
N VAL A 216 -10.29 -2.60 27.45
CA VAL A 216 -9.84 -1.39 28.14
C VAL A 216 -9.48 -0.30 27.13
N ASP A 217 -8.92 -0.69 25.99
CA ASP A 217 -8.63 0.29 24.96
C ASP A 217 -9.91 0.95 24.44
N ASP A 218 -10.95 0.14 24.21
CA ASP A 218 -12.20 0.73 23.75
C ASP A 218 -12.77 1.68 24.80
N ILE A 219 -12.62 1.35 26.08
CA ILE A 219 -13.11 2.25 27.13
C ILE A 219 -12.34 3.56 27.12
N LEU A 220 -11.01 3.48 27.05
CA LEU A 220 -10.20 4.69 27.01
C LEU A 220 -10.55 5.56 25.83
N ASP A 221 -10.95 4.95 24.70
CA ASP A 221 -11.33 5.73 23.54
C ASP A 221 -12.49 6.68 23.84
N PHE A 222 -13.33 6.36 24.82
CA PHE A 222 -14.48 7.21 25.12
C PHE A 222 -14.14 8.34 26.07
N THR A 223 -13.35 8.08 27.10
CA THR A 223 -13.16 9.04 28.18
C THR A 223 -11.95 9.93 28.00
N GLN A 224 -11.05 9.61 27.09
CA GLN A 224 -9.84 10.41 26.96
C GLN A 224 -10.16 11.76 26.35
N SER A 225 -9.39 12.76 26.76
CA SER A 225 -9.51 14.08 26.18
C SER A 225 -8.85 14.12 24.81
N ALA A 226 -9.38 14.98 23.95
CA ALA A 226 -8.97 14.98 22.55
C ALA A 226 -7.48 15.24 22.39
N GLU A 227 -6.89 16.00 23.32
CA GLU A 227 -5.48 16.36 23.18
C GLU A 227 -4.56 15.18 23.48
N GLN A 228 -4.97 14.28 24.38
CA GLN A 228 -4.18 13.09 24.65
C GLN A 228 -4.06 12.20 23.43
N LEU A 229 -4.72 12.54 22.33
CA LEU A 229 -4.67 11.79 21.08
C LEU A 229 -4.91 12.81 19.97
N GLY A 230 -5.32 12.32 18.80
CA GLY A 230 -5.72 13.22 17.74
C GLY A 230 -7.21 13.46 17.80
N LYS A 231 -7.94 12.80 16.91
CA LYS A 231 -9.39 12.94 16.85
C LYS A 231 -10.01 12.81 18.23
N PRO A 232 -10.93 13.68 18.62
CA PRO A 232 -11.62 13.54 19.89
C PRO A 232 -12.34 12.21 20.01
N ALA A 233 -12.84 11.95 21.21
CA ALA A 233 -13.37 10.65 21.58
C ALA A 233 -14.49 10.22 20.63
N GLY A 234 -14.79 8.93 20.66
CA GLY A 234 -15.82 8.39 19.80
C GLY A 234 -15.49 8.45 18.34
N SER A 235 -14.21 8.40 17.99
CA SER A 235 -13.82 8.42 16.58
C SER A 235 -14.35 7.20 15.86
N ASP A 236 -14.01 6.00 16.35
CA ASP A 236 -14.46 4.78 15.72
C ASP A 236 -15.97 4.64 15.80
N LEU A 237 -16.59 5.21 16.83
CA LEU A 237 -18.05 5.24 16.89
C LEU A 237 -18.61 6.01 15.71
N ALA A 238 -18.03 7.17 15.40
CA ALA A 238 -18.47 7.93 14.24
C ALA A 238 -18.19 7.17 12.96
N LYS A 239 -17.09 6.43 12.90
CA LYS A 239 -16.76 5.69 11.69
C LYS A 239 -17.70 4.53 11.42
N GLY A 240 -18.55 4.17 12.36
CA GLY A 240 -19.43 3.03 12.21
C GLY A 240 -19.00 1.80 12.95
N ASN A 241 -18.01 1.91 13.81
CA ASN A 241 -17.48 0.77 14.56
C ASN A 241 -18.09 0.83 15.96
N LEU A 242 -18.94 -0.13 16.27
CA LEU A 242 -19.53 -0.18 17.59
C LEU A 242 -18.57 -0.84 18.56
N THR A 243 -18.55 -0.35 19.79
CA THR A 243 -17.69 -0.88 20.83
C THR A 243 -18.56 -1.45 21.95
N ALA A 244 -17.90 -1.95 22.99
CA ALA A 244 -18.62 -2.59 24.09
C ALA A 244 -19.55 -1.65 24.82
N PRO A 245 -19.16 -0.43 25.20
CA PRO A 245 -20.13 0.46 25.85
C PRO A 245 -21.35 0.73 24.99
N VAL A 246 -21.15 0.86 23.68
CA VAL A 246 -22.27 1.08 22.79
C VAL A 246 -23.23 -0.10 22.83
N ILE A 247 -22.68 -1.32 22.77
CA ILE A 247 -23.53 -2.51 22.79
C ILE A 247 -24.30 -2.59 24.09
N PHE A 248 -23.64 -2.34 25.22
CA PHE A 248 -24.33 -2.37 26.50
C PHE A 248 -25.41 -1.30 26.58
N ALA A 249 -25.16 -0.13 26.01
CA ALA A 249 -26.15 0.93 26.07
C ALA A 249 -27.32 0.67 25.12
N LEU A 250 -27.09 -0.03 24.02
CA LEU A 250 -28.14 -0.23 23.04
C LEU A 250 -29.28 -1.06 23.59
N GLN A 251 -29.04 -1.83 24.64
CA GLN A 251 -30.11 -2.59 25.27
C GLN A 251 -31.03 -1.73 26.10
N ASP A 252 -30.89 -0.42 26.08
CA ASP A 252 -31.71 0.41 26.95
C ASP A 252 -32.42 1.54 26.22
N GLU A 253 -31.80 2.14 25.22
CA GLU A 253 -32.35 3.35 24.64
C GLU A 253 -32.64 3.16 23.16
N PRO A 254 -33.86 3.43 22.72
CA PRO A 254 -34.14 3.42 21.28
C PRO A 254 -33.67 4.68 20.58
N GLN A 255 -33.66 5.82 21.29
CA GLN A 255 -33.18 7.05 20.68
C GLN A 255 -31.76 6.91 20.18
N LEU A 256 -30.92 6.19 20.93
CA LEU A 256 -29.59 5.87 20.45
C LEU A 256 -29.67 5.06 19.16
N ARG A 257 -30.62 4.14 19.08
CA ARG A 257 -30.76 3.34 17.88
C ARG A 257 -31.07 4.23 16.68
N GLU A 258 -31.99 5.18 16.84
CA GLU A 258 -32.32 6.05 15.72
C GLU A 258 -31.16 6.95 15.36
N ILE A 259 -30.43 7.45 16.36
CA ILE A 259 -29.29 8.31 16.08
C ILE A 259 -28.24 7.55 15.28
N ILE A 260 -27.94 6.32 15.68
CA ILE A 260 -26.99 5.50 14.95
C ILE A 260 -27.50 5.23 13.54
N ASP A 261 -28.75 4.78 13.44
CA ASP A 261 -29.32 4.48 12.14
C ASP A 261 -29.44 5.72 11.27
N SER A 262 -29.53 6.90 11.87
CA SER A 262 -29.48 8.13 11.11
C SER A 262 -28.11 8.40 10.54
N GLU A 263 -27.15 7.51 10.75
CA GLU A 263 -25.76 7.71 10.33
C GLU A 263 -25.24 9.05 10.83
N PHE A 264 -25.67 9.43 12.03
CA PHE A 264 -25.28 10.68 12.64
C PHE A 264 -25.51 11.86 11.70
N SER A 265 -26.71 11.93 11.12
CA SER A 265 -27.03 13.00 10.20
C SER A 265 -27.31 14.31 10.95
N GLU A 266 -28.06 14.25 12.03
CA GLU A 266 -28.42 15.44 12.77
C GLU A 266 -27.20 16.00 13.49
N THR A 267 -27.15 17.32 13.59
CA THR A 267 -25.98 17.97 14.17
C THR A 267 -25.86 17.69 15.65
N ASN A 268 -24.62 17.55 16.12
CA ASN A 268 -24.33 17.31 17.53
C ASN A 268 -24.90 15.99 18.02
N SER A 269 -25.35 15.13 17.11
CA SER A 269 -25.79 13.80 17.51
C SER A 269 -24.65 13.02 18.13
N LEU A 270 -23.41 13.36 17.77
CA LEU A 270 -22.25 12.68 18.34
C LEU A 270 -22.15 12.92 19.84
N ALA A 271 -22.11 14.19 20.24
CA ALA A 271 -22.01 14.50 21.66
C ALA A 271 -23.26 14.05 22.42
N THR A 272 -24.42 14.20 21.79
CA THR A 272 -25.65 13.69 22.39
C THR A 272 -25.53 12.20 22.67
N ALA A 273 -25.03 11.44 21.71
CA ALA A 273 -24.90 10.00 21.90
C ALA A 273 -23.87 9.67 22.96
N ILE A 274 -22.76 10.42 23.01
CA ILE A 274 -21.76 10.16 24.02
C ILE A 274 -22.33 10.39 25.41
N GLU A 275 -23.11 11.46 25.57
CA GLU A 275 -23.75 11.70 26.85
C GLU A 275 -24.79 10.63 27.15
N LEU A 276 -25.50 10.16 26.12
CA LEU A 276 -26.43 9.06 26.32
C LEU A 276 -25.73 7.82 26.85
N VAL A 277 -24.58 7.48 26.27
CA VAL A 277 -23.84 6.31 26.72
C VAL A 277 -23.36 6.50 28.14
N HIS A 278 -22.83 7.69 28.45
CA HIS A 278 -22.42 7.97 29.82
C HIS A 278 -23.57 7.81 30.78
N ARG A 279 -24.76 8.27 30.38
CA ARG A 279 -25.90 8.23 31.27
C ARG A 279 -26.42 6.81 31.45
N SER A 280 -26.37 6.00 30.40
CA SER A 280 -26.89 4.65 30.47
C SER A 280 -26.04 3.75 31.34
N GLY A 281 -24.79 4.12 31.60
CA GLY A 281 -23.95 3.33 32.47
C GLY A 281 -23.30 2.14 31.81
N GLY A 282 -23.13 2.17 30.49
CA GLY A 282 -22.41 1.10 29.82
C GLY A 282 -20.96 1.00 30.24
N ILE A 283 -20.39 2.10 30.73
CA ILE A 283 -18.99 2.08 31.11
C ILE A 283 -18.78 1.23 32.36
N LYS A 284 -19.71 1.29 33.31
CA LYS A 284 -19.59 0.45 34.50
C LYS A 284 -19.67 -1.03 34.13
N ARG A 285 -20.58 -1.38 33.23
CA ARG A 285 -20.71 -2.78 32.84
C ARG A 285 -19.49 -3.25 32.07
N ALA A 286 -18.93 -2.39 31.21
CA ALA A 286 -17.70 -2.74 30.52
C ALA A 286 -16.56 -2.93 31.51
N HIS A 287 -16.52 -2.09 32.54
CA HIS A 287 -15.53 -2.23 33.60
C HIS A 287 -15.65 -3.60 34.26
N GLU A 288 -16.88 -3.99 34.58
CA GLU A 288 -17.09 -5.30 35.19
C GLU A 288 -16.66 -6.43 34.27
N LEU A 289 -16.97 -6.31 32.98
CA LEU A 289 -16.56 -7.34 32.02
C LEU A 289 -15.04 -7.48 31.99
N ALA A 290 -14.34 -6.35 31.91
CA ALA A 290 -12.88 -6.39 31.95
C ALA A 290 -12.38 -7.05 33.22
N ARG A 291 -13.04 -6.76 34.35
CA ARG A 291 -12.61 -7.37 35.61
C ARG A 291 -12.82 -8.88 35.61
N GLU A 292 -13.91 -9.35 35.02
CA GLU A 292 -14.11 -10.79 34.93
C GLU A 292 -13.01 -11.45 34.11
N LYS A 293 -12.68 -10.85 32.98
CA LYS A 293 -11.60 -11.41 32.16
C LYS A 293 -10.30 -11.47 32.95
N GLY A 294 -9.97 -10.38 33.64
CA GLY A 294 -8.74 -10.37 34.43
C GLY A 294 -8.75 -11.42 35.53
N GLU A 295 -9.91 -11.59 36.17
CA GLU A 295 -10.00 -12.58 37.24
C GLU A 295 -9.78 -13.99 36.70
N ILE A 296 -10.35 -14.29 35.54
CA ILE A 296 -10.10 -15.58 34.92
C ILE A 296 -8.61 -15.77 34.66
N ALA A 297 -7.94 -14.75 34.14
CA ALA A 297 -6.52 -14.86 33.87
C ALA A 297 -5.73 -15.13 35.14
N ILE A 298 -6.05 -14.40 36.21
CA ILE A 298 -5.32 -14.58 37.47
C ILE A 298 -5.51 -16.00 37.99
N GLN A 299 -6.74 -16.49 37.97
CA GLN A 299 -6.98 -17.85 38.45
C GLN A 299 -6.24 -18.87 37.59
N SER A 300 -6.16 -18.61 36.28
CA SER A 300 -5.44 -19.51 35.40
C SER A 300 -3.96 -19.56 35.77
N LEU A 301 -3.40 -18.43 36.19
CA LEU A 301 -1.99 -18.41 36.56
C LEU A 301 -1.68 -19.24 37.80
N GLN A 302 -2.70 -19.77 38.49
CA GLN A 302 -2.44 -20.53 39.71
C GLN A 302 -1.73 -21.86 39.46
N CYS A 303 -1.54 -22.26 38.20
CA CYS A 303 -0.83 -23.49 37.93
C CYS A 303 0.67 -23.35 38.07
N LEU A 304 1.19 -22.17 37.96
CA LEU A 304 2.64 -22.11 38.05
C LEU A 304 3.08 -21.98 39.51
N PRO A 305 4.20 -22.59 39.87
CA PRO A 305 4.69 -22.50 41.25
C PRO A 305 5.16 -21.10 41.56
N ARG A 306 5.32 -20.84 42.85
CA ARG A 306 5.72 -19.52 43.34
C ARG A 306 6.98 -19.03 42.63
N SER A 307 7.03 -17.73 42.35
CA SER A 307 8.16 -17.15 41.66
C SER A 307 8.01 -15.64 41.68
N GLU A 308 8.93 -14.94 41.00
CA GLU A 308 8.83 -13.51 40.79
C GLU A 308 8.25 -13.15 39.44
N PHE A 309 8.47 -13.99 38.42
CA PHE A 309 7.82 -13.79 37.14
C PHE A 309 6.31 -13.93 37.26
N ARG A 310 5.85 -14.80 38.17
CA ARG A 310 4.42 -14.89 38.44
C ARG A 310 3.87 -13.56 38.92
N SER A 311 4.55 -12.96 39.89
CA SER A 311 4.14 -11.65 40.38
C SER A 311 4.19 -10.62 39.27
N THR A 312 5.17 -10.74 38.37
CA THR A 312 5.23 -9.82 37.25
C THR A 312 3.99 -9.94 36.36
N LEU A 313 3.58 -11.17 36.08
CA LEU A 313 2.39 -11.35 35.23
C LEU A 313 1.14 -10.81 35.92
N GLU A 314 0.99 -11.10 37.22
CA GLU A 314 -0.18 -10.60 37.94
C GLU A 314 -0.18 -9.08 37.99
N ASN A 315 0.98 -8.47 38.18
CA ASN A 315 1.06 -7.02 38.18
C ASN A 315 0.80 -6.46 36.80
N MET A 316 1.12 -7.20 35.75
CA MET A 316 0.73 -6.79 34.42
C MET A 316 -0.77 -6.71 34.31
N VAL A 317 -1.47 -7.71 34.83
CA VAL A 317 -2.93 -7.68 34.84
C VAL A 317 -3.43 -6.46 35.60
N LYS A 318 -2.84 -6.20 36.77
CA LYS A 318 -3.26 -5.05 37.56
C LYS A 318 -3.02 -3.74 36.83
N TYR A 319 -1.88 -3.61 36.16
CA TYR A 319 -1.58 -2.39 35.43
C TYR A 319 -2.55 -2.19 34.29
N ASN A 320 -2.90 -3.27 33.60
CA ASN A 320 -3.93 -3.17 32.58
C ASN A 320 -5.23 -2.64 33.16
N LEU A 321 -5.69 -3.26 34.25
CA LEU A 321 -6.94 -2.82 34.87
C LEU A 321 -6.85 -1.42 35.43
N GLU A 322 -5.66 -0.94 35.74
CA GLU A 322 -5.47 0.36 36.35
C GLU A 322 -5.25 1.46 35.33
N ARG A 323 -4.89 1.12 34.09
CA ARG A 323 -4.73 2.14 33.07
C ARG A 323 -5.98 3.00 32.94
N ILE A 324 -7.15 2.42 33.22
CA ILE A 324 -8.37 3.21 33.22
C ILE A 324 -8.35 4.23 34.36
N ASP A 325 -7.58 3.95 35.41
CA ASP A 325 -7.55 4.77 36.61
C ASP A 325 -8.96 4.93 37.18
N GLU B 1 -48.56 31.59 -12.73
CA GLU B 1 -48.30 32.81 -11.98
C GLU B 1 -46.84 32.84 -11.51
N ALA B 2 -46.23 34.03 -11.60
CA ALA B 2 -44.82 34.16 -11.26
C ALA B 2 -44.54 33.80 -9.81
N ALA B 3 -45.53 33.87 -8.93
CA ALA B 3 -45.31 33.41 -7.56
C ALA B 3 -44.97 31.93 -7.55
N LEU B 4 -45.61 31.16 -8.41
CA LEU B 4 -45.20 29.77 -8.57
C LEU B 4 -43.77 29.69 -9.10
N GLY B 5 -43.39 30.64 -9.96
CA GLY B 5 -42.05 30.61 -10.52
C GLY B 5 -40.97 30.82 -9.48
N ASP B 6 -41.09 31.88 -8.69
CA ASP B 6 -40.06 32.09 -7.67
C ASP B 6 -40.19 31.09 -6.54
N ALA B 7 -41.38 30.56 -6.29
CA ALA B 7 -41.48 29.43 -5.36
C ALA B 7 -40.64 28.27 -5.84
N LYS B 8 -40.76 27.92 -7.12
CA LYS B 8 -40.06 26.74 -7.62
C LYS B 8 -38.55 26.99 -7.70
N ASP B 9 -38.13 28.20 -8.03
CA ASP B 9 -36.68 28.42 -8.07
C ASP B 9 -36.11 28.57 -6.67
N ALA B 10 -36.90 29.06 -5.70
CA ALA B 10 -36.46 28.99 -4.32
C ALA B 10 -36.29 27.56 -3.86
N LEU B 11 -37.20 26.68 -4.29
CA LEU B 11 -37.03 25.26 -4.04
C LEU B 11 -35.75 24.75 -4.67
N TYR B 12 -35.50 25.13 -5.92
CA TYR B 12 -34.25 24.73 -6.59
C TYR B 12 -33.04 25.16 -5.79
N ALA B 13 -33.04 26.40 -5.31
CA ALA B 13 -31.92 26.90 -4.53
C ALA B 13 -31.78 26.12 -3.22
N ALA B 14 -32.90 25.75 -2.61
CA ALA B 14 -32.82 25.05 -1.33
C ALA B 14 -32.28 23.63 -1.51
N LEU B 15 -32.78 22.92 -2.52
CA LEU B 15 -32.55 21.48 -2.62
C LEU B 15 -31.11 21.13 -2.98
N GLU B 16 -30.40 22.02 -3.64
CA GLU B 16 -29.09 21.68 -4.18
C GLU B 16 -28.13 21.26 -3.06
N GLY B 17 -27.06 20.59 -3.46
CA GLY B 17 -26.02 20.21 -2.52
C GLY B 17 -26.39 19.11 -1.57
N MET B 18 -27.41 18.32 -1.91
CA MET B 18 -27.88 17.26 -1.03
C MET B 18 -28.06 15.92 -1.72
N ASN B 19 -27.72 15.81 -3.00
CA ASN B 19 -27.86 14.56 -3.75
C ASN B 19 -29.30 14.08 -3.76
N ARG B 20 -30.23 15.00 -4.03
CA ARG B 20 -31.66 14.72 -4.08
C ARG B 20 -32.18 14.15 -2.77
N GLY B 21 -31.46 14.34 -1.68
CA GLY B 21 -31.93 13.90 -0.38
C GLY B 21 -32.09 12.41 -0.23
N ILE B 22 -31.09 11.64 -0.64
CA ILE B 22 -31.16 10.19 -0.54
C ILE B 22 -30.17 9.62 0.45
N PHE B 23 -29.17 10.39 0.87
CA PHE B 23 -28.14 9.91 1.78
C PHE B 23 -28.13 10.71 3.06
N GLY B 24 -29.29 10.93 3.63
CA GLY B 24 -29.29 11.67 4.88
C GLY B 24 -29.52 13.14 4.67
N MET B 25 -30.15 13.76 5.67
CA MET B 25 -30.55 15.15 5.58
C MET B 25 -30.86 15.70 6.95
N THR B 26 -30.26 16.82 7.31
CA THR B 26 -30.51 17.37 8.63
C THR B 26 -31.98 17.75 8.79
N SER B 27 -32.41 17.83 10.05
CA SER B 27 -33.83 17.94 10.34
C SER B 27 -34.43 19.24 9.83
N GLU B 28 -33.74 20.36 10.07
CA GLU B 28 -34.31 21.65 9.75
C GLU B 28 -34.34 21.91 8.25
N LYS B 29 -33.33 21.41 7.53
CA LYS B 29 -33.35 21.53 6.09
C LYS B 29 -34.52 20.74 5.49
N ARG B 30 -34.73 19.53 6.01
CA ARG B 30 -35.91 18.76 5.61
C ARG B 30 -37.18 19.52 5.94
N SER B 31 -37.24 20.12 7.13
CA SER B 31 -38.41 20.88 7.54
C SER B 31 -38.72 21.97 6.53
N GLU B 32 -37.70 22.74 6.16
CA GLU B 32 -37.93 23.88 5.29
C GLU B 32 -38.23 23.44 3.86
N ILE B 33 -37.61 22.37 3.38
CA ILE B 33 -37.91 21.96 2.03
C ILE B 33 -39.35 21.44 1.92
N HIS B 34 -39.81 20.72 2.94
CA HIS B 34 -41.19 20.25 2.84
C HIS B 34 -42.17 21.39 3.09
N ALA B 35 -41.79 22.39 3.88
CA ALA B 35 -42.61 23.59 3.98
C ALA B 35 -42.72 24.29 2.62
N LEU B 36 -41.61 24.40 1.90
CA LEU B 36 -41.65 24.95 0.56
C LEU B 36 -42.59 24.16 -0.34
N VAL B 37 -42.49 22.83 -0.33
CA VAL B 37 -43.32 22.09 -1.27
C VAL B 37 -44.79 22.16 -0.86
N GLU B 38 -45.03 22.41 0.42
CA GLU B 38 -46.43 22.62 0.83
C GLU B 38 -46.94 23.92 0.22
N LEU B 39 -46.10 24.96 0.25
CA LEU B 39 -46.48 26.22 -0.41
C LEU B 39 -46.75 25.96 -1.88
N LEU B 40 -45.88 25.17 -2.51
CA LEU B 40 -46.08 24.99 -3.95
C LEU B 40 -47.43 24.33 -4.15
N GLU B 41 -47.67 23.24 -3.44
CA GLU B 41 -48.94 22.52 -3.70
C GLU B 41 -50.06 23.50 -3.38
N SER B 42 -49.86 24.30 -2.34
CA SER B 42 -50.87 25.33 -2.02
C SER B 42 -51.34 25.95 -3.35
N LYS B 43 -50.40 26.44 -4.15
CA LYS B 43 -50.81 27.14 -5.40
C LYS B 43 -50.93 26.14 -6.56
N ASN B 44 -51.97 25.30 -6.54
CA ASN B 44 -52.14 24.27 -7.60
C ASN B 44 -52.27 24.96 -8.96
N PRO B 45 -51.33 24.74 -9.89
CA PRO B 45 -51.39 25.32 -11.23
C PRO B 45 -52.30 24.55 -12.16
N THR B 46 -52.47 23.26 -11.95
CA THR B 46 -53.33 22.45 -12.80
C THR B 46 -53.89 21.30 -11.97
N PRO B 47 -55.17 21.34 -11.63
CA PRO B 47 -55.80 20.21 -10.94
C PRO B 47 -56.23 19.15 -11.95
N GLU B 48 -56.92 18.14 -11.43
CA GLU B 48 -57.45 17.04 -12.24
C GLU B 48 -56.35 16.40 -13.06
N PRO B 49 -55.37 15.75 -12.43
CA PRO B 49 -54.25 15.21 -13.21
C PRO B 49 -54.67 14.16 -14.22
N THR B 50 -55.76 13.43 -13.97
CA THR B 50 -56.15 12.35 -14.87
C THR B 50 -56.45 12.87 -16.27
N ASP B 51 -57.09 14.04 -16.39
CA ASP B 51 -57.36 14.57 -17.71
C ASP B 51 -56.09 15.03 -18.42
N LYS B 52 -55.00 15.25 -17.68
CA LYS B 52 -53.78 15.78 -18.26
C LYS B 52 -52.61 14.80 -18.15
N LEU B 53 -52.90 13.53 -17.87
CA LEU B 53 -51.85 12.52 -17.94
C LEU B 53 -51.20 12.52 -19.30
N GLN B 54 -52.01 12.25 -20.34
CA GLN B 54 -51.52 12.31 -21.71
C GLN B 54 -50.99 13.68 -22.06
N ASP B 55 -51.46 14.73 -21.37
CA ASP B 55 -51.04 16.08 -21.71
C ASP B 55 -49.83 16.52 -20.90
N LYS B 56 -49.96 16.55 -19.57
CA LYS B 56 -48.86 17.01 -18.74
C LYS B 56 -47.99 15.87 -18.26
N VAL B 57 -48.61 14.75 -17.88
CA VAL B 57 -47.85 13.68 -17.23
C VAL B 57 -47.15 12.80 -18.24
N ASP B 58 -47.72 12.63 -19.42
CA ASP B 58 -47.18 11.69 -20.39
C ASP B 58 -45.75 12.04 -20.78
N GLY B 59 -44.88 11.05 -20.71
CA GLY B 59 -43.50 11.24 -21.11
C GLY B 59 -42.51 10.74 -20.08
N CYS B 60 -41.46 11.51 -19.83
CA CYS B 60 -40.38 11.11 -18.95
C CYS B 60 -40.19 12.14 -17.85
N TRP B 61 -39.60 11.69 -16.76
CA TRP B 61 -39.33 12.55 -15.62
C TRP B 61 -38.11 12.03 -14.88
N ARG B 62 -37.25 12.93 -14.44
CA ARG B 62 -36.09 12.57 -13.64
C ARG B 62 -36.31 13.07 -12.22
N LEU B 63 -35.83 12.30 -11.25
CA LEU B 63 -36.08 12.59 -9.85
C LEU B 63 -35.17 13.71 -9.39
N VAL B 64 -35.76 14.73 -8.76
CA VAL B 64 -35.00 15.82 -8.19
C VAL B 64 -34.98 15.75 -6.67
N TYR B 65 -36.01 15.18 -6.06
CA TYR B 65 -35.96 14.96 -4.62
C TYR B 65 -37.04 13.99 -4.22
N SER B 66 -36.79 13.27 -3.13
CA SER B 66 -37.75 12.30 -2.61
C SER B 66 -37.39 12.06 -1.15
N THR B 67 -38.29 11.41 -0.44
CA THR B 67 -38.10 11.12 0.98
C THR B 67 -37.49 9.74 1.20
N ILE B 68 -37.01 9.11 0.16
CA ILE B 68 -36.32 7.83 0.28
C ILE B 68 -34.91 8.10 0.77
N SER B 69 -34.46 7.32 1.75
CA SER B 69 -33.15 7.54 2.35
C SER B 69 -32.47 6.20 2.54
N ILE B 70 -31.41 5.96 1.78
CA ILE B 70 -30.61 4.75 1.93
C ILE B 70 -29.49 5.08 2.90
N LEU B 71 -29.59 4.58 4.12
CA LEU B 71 -28.61 4.89 5.14
C LEU B 71 -28.47 3.75 6.13
N GLY B 72 -27.23 3.51 6.56
CA GLY B 72 -26.98 2.58 7.64
C GLY B 72 -26.60 1.18 7.20
N LYS B 73 -27.23 0.20 7.83
CA LYS B 73 -26.90 -1.20 7.58
C LYS B 73 -27.21 -1.58 6.14
N LYS B 74 -28.33 -1.12 5.62
CA LYS B 74 -28.68 -1.36 4.23
C LYS B 74 -27.62 -0.79 3.29
N ARG B 75 -27.25 0.46 3.51
CA ARG B 75 -26.23 1.11 2.67
C ARG B 75 -24.93 0.34 2.72
N THR B 76 -24.56 -0.17 3.90
CA THR B 76 -23.32 -0.93 4.02
C THR B 76 -23.42 -2.25 3.26
N LYS B 77 -24.55 -2.93 3.38
CA LYS B 77 -24.69 -4.22 2.71
C LYS B 77 -24.64 -4.05 1.19
N LEU B 78 -25.33 -3.05 0.67
CA LEU B 78 -25.33 -2.80 -0.77
C LEU B 78 -24.04 -2.19 -1.26
N GLY B 79 -23.05 -2.00 -0.40
CA GLY B 79 -21.78 -1.46 -0.83
C GLY B 79 -21.88 -0.07 -1.42
N LEU B 80 -22.95 0.65 -1.10
CA LEU B 80 -23.12 2.02 -1.56
C LEU B 80 -22.34 3.01 -0.71
N ARG B 81 -21.70 2.54 0.37
CA ARG B 81 -20.84 3.40 1.15
C ARG B 81 -19.67 3.92 0.33
N ASP B 82 -18.84 3.04 -0.21
CA ASP B 82 -18.00 3.44 -1.32
C ASP B 82 -17.66 2.27 -2.23
N PHE B 83 -18.54 1.94 -3.16
CA PHE B 83 -18.12 1.18 -4.33
C PHE B 83 -18.92 1.55 -5.55
N ILE B 84 -20.09 2.15 -5.33
CA ILE B 84 -21.09 2.28 -6.38
C ILE B 84 -21.85 3.57 -6.14
N SER B 85 -22.16 4.27 -7.22
CA SER B 85 -22.87 5.53 -7.15
C SER B 85 -24.18 5.42 -7.92
N LEU B 86 -25.18 6.13 -7.42
CA LEU B 86 -26.50 6.17 -8.03
C LEU B 86 -26.52 7.35 -8.99
N GLY B 87 -26.50 7.06 -10.29
CA GLY B 87 -26.57 8.10 -11.28
C GLY B 87 -27.78 8.98 -11.05
N ASP B 88 -28.96 8.42 -11.27
CA ASP B 88 -30.20 9.16 -11.05
C ASP B 88 -31.36 8.19 -11.20
N PHE B 89 -32.57 8.73 -11.13
CA PHE B 89 -33.79 7.95 -11.14
C PHE B 89 -34.71 8.51 -12.21
N PHE B 90 -35.30 7.62 -13.00
CA PHE B 90 -36.22 8.03 -14.05
C PHE B 90 -37.53 7.27 -13.91
N GLN B 91 -38.61 7.92 -14.30
CA GLN B 91 -39.96 7.36 -14.15
C GLN B 91 -40.79 7.61 -15.40
N MET B 92 -40.26 7.22 -16.56
CA MET B 92 -41.01 7.36 -17.81
C MET B 92 -42.42 6.80 -17.65
N ILE B 93 -43.40 7.58 -18.08
CA ILE B 93 -44.81 7.23 -17.89
C ILE B 93 -45.43 6.93 -19.23
N ASP B 94 -46.15 5.82 -19.31
CA ASP B 94 -46.78 5.33 -20.53
C ASP B 94 -48.29 5.31 -20.33
N VAL B 95 -48.95 6.42 -20.66
CA VAL B 95 -50.40 6.45 -20.52
C VAL B 95 -51.05 5.68 -21.65
N LYS B 96 -50.33 5.47 -22.76
CA LYS B 96 -50.92 4.84 -23.93
C LYS B 96 -51.30 3.40 -23.64
N GLU B 97 -50.33 2.59 -23.22
CA GLU B 97 -50.61 1.27 -22.70
C GLU B 97 -50.98 1.29 -21.22
N GLU B 98 -51.19 2.48 -20.66
CA GLU B 98 -51.52 2.63 -19.24
C GLU B 98 -50.46 1.95 -18.38
N LYS B 99 -49.20 2.27 -18.67
CA LYS B 99 -48.07 1.65 -17.99
C LYS B 99 -47.12 2.73 -17.50
N ALA B 100 -46.05 2.27 -16.84
CA ALA B 100 -44.99 3.16 -16.37
C ALA B 100 -43.75 2.32 -16.14
N VAL B 101 -42.64 2.98 -15.88
CA VAL B 101 -41.37 2.30 -15.71
C VAL B 101 -40.46 3.14 -14.84
N ASN B 102 -39.73 2.49 -13.95
CA ASN B 102 -38.74 3.13 -13.10
C ASN B 102 -37.39 2.50 -13.40
N VAL B 103 -36.44 3.30 -13.82
CA VAL B 103 -35.10 2.83 -14.11
C VAL B 103 -34.13 3.57 -13.22
N ILE B 104 -33.19 2.82 -12.64
CA ILE B 104 -32.14 3.36 -11.81
C ILE B 104 -30.81 3.04 -12.46
N LYS B 105 -29.99 4.05 -12.66
CA LYS B 105 -28.67 3.86 -13.23
C LYS B 105 -27.65 3.73 -12.12
N PHE B 106 -26.89 2.66 -12.16
CA PHE B 106 -25.78 2.47 -11.25
C PHE B 106 -24.48 2.66 -12.00
N SER B 107 -23.47 3.15 -11.29
CA SER B 107 -22.16 3.30 -11.89
C SER B 107 -21.11 2.93 -10.85
N ALA B 108 -19.94 2.54 -11.35
CA ALA B 108 -18.79 2.32 -10.51
C ALA B 108 -17.71 3.29 -10.94
N ARG B 109 -16.70 3.47 -10.09
CA ARG B 109 -15.64 4.40 -10.41
C ARG B 109 -14.77 3.81 -11.51
N ALA B 110 -15.33 3.74 -12.72
CA ALA B 110 -14.64 3.19 -13.89
C ALA B 110 -14.16 1.76 -13.65
N LEU B 111 -14.67 1.10 -12.61
CA LEU B 111 -14.33 -0.30 -12.38
C LEU B 111 -14.54 -1.11 -13.64
N LYS B 112 -15.66 -0.87 -14.28
CA LYS B 112 -15.90 -1.28 -15.66
C LYS B 112 -16.68 -0.09 -16.23
N ILE B 113 -17.40 -0.33 -17.31
CA ILE B 113 -18.21 0.72 -17.92
C ILE B 113 -19.63 0.44 -17.47
N LEU B 114 -19.75 -0.06 -16.22
CA LEU B 114 -20.97 -0.68 -15.72
C LEU B 114 -22.22 0.02 -16.21
N SER B 115 -22.39 1.27 -15.79
CA SER B 115 -23.52 2.09 -16.21
C SER B 115 -24.81 1.29 -16.22
N GLY B 116 -24.95 0.39 -15.25
CA GLY B 116 -26.02 -0.57 -15.27
C GLY B 116 -27.37 0.08 -15.06
N GLN B 117 -28.39 -0.66 -15.48
CA GLN B 117 -29.77 -0.25 -15.32
C GLN B 117 -30.52 -1.31 -14.54
N LEU B 118 -31.13 -0.91 -13.45
CA LEU B 118 -32.18 -1.69 -12.82
C LEU B 118 -33.52 -1.15 -13.30
N THR B 119 -34.34 -2.02 -13.85
CA THR B 119 -35.58 -1.60 -14.48
C THR B 119 -36.75 -2.31 -13.82
N ILE B 120 -37.79 -1.56 -13.51
CA ILE B 120 -39.04 -2.11 -13.01
C ILE B 120 -40.16 -1.49 -13.81
N GLU B 121 -40.80 -2.30 -14.64
CA GLU B 121 -41.98 -1.82 -15.34
C GLU B 121 -43.22 -2.10 -14.48
N ALA B 122 -44.30 -1.36 -14.75
CA ALA B 122 -45.40 -1.33 -13.82
C ALA B 122 -46.70 -1.02 -14.54
N SER B 123 -47.78 -1.67 -14.11
CA SER B 123 -49.10 -1.41 -14.62
C SER B 123 -49.87 -0.51 -13.66
N TYR B 124 -50.50 0.54 -14.19
CA TYR B 124 -51.21 1.50 -13.37
C TYR B 124 -52.66 1.63 -13.82
N LYS B 125 -53.44 2.32 -12.98
CA LYS B 125 -54.89 2.44 -13.15
C LYS B 125 -55.29 3.90 -13.07
N ILE B 126 -56.50 4.21 -13.57
CA ILE B 126 -56.97 5.58 -13.60
C ILE B 126 -57.93 5.84 -12.44
N THR B 127 -57.81 5.05 -11.37
CA THR B 127 -58.84 4.92 -10.34
C THR B 127 -59.54 6.22 -9.98
N THR B 128 -58.79 7.20 -9.50
CA THR B 128 -59.45 8.46 -9.17
C THR B 128 -58.83 9.60 -9.97
N LYS B 129 -59.50 10.76 -9.93
CA LYS B 129 -59.09 11.91 -10.72
C LYS B 129 -57.70 12.41 -10.36
N THR B 130 -57.25 12.20 -9.12
CA THR B 130 -55.89 12.56 -8.73
C THR B 130 -55.10 11.34 -8.33
N LYS B 131 -55.62 10.58 -7.37
CA LYS B 131 -54.94 9.40 -6.86
C LYS B 131 -55.16 8.27 -7.86
N VAL B 132 -54.12 8.02 -8.65
CA VAL B 132 -54.12 6.84 -9.49
C VAL B 132 -53.63 5.64 -8.67
N ASP B 133 -53.77 4.46 -9.24
CA ASP B 133 -53.20 3.26 -8.64
C ASP B 133 -52.28 2.61 -9.64
N ILE B 134 -51.23 1.96 -9.12
CA ILE B 134 -50.23 1.28 -9.93
C ILE B 134 -49.82 0.01 -9.21
N THR B 135 -49.47 -1.02 -9.98
CA THR B 135 -48.85 -2.21 -9.43
C THR B 135 -47.61 -2.48 -10.27
N LEU B 136 -46.94 -3.60 -10.05
CA LEU B 136 -45.69 -3.91 -10.75
C LEU B 136 -46.03 -4.29 -12.18
N ASP B 137 -45.01 -4.55 -12.99
CA ASP B 137 -45.15 -5.46 -14.12
C ASP B 137 -44.07 -6.54 -14.05
N SER B 138 -42.82 -6.12 -13.94
CA SER B 138 -41.67 -7.02 -13.85
C SER B 138 -40.43 -6.19 -13.58
N SER B 139 -39.32 -6.90 -13.37
CA SER B 139 -38.07 -6.24 -13.00
C SER B 139 -36.91 -6.96 -13.67
N THR B 140 -35.79 -6.26 -13.81
CA THR B 140 -34.59 -6.81 -14.43
C THR B 140 -33.38 -5.95 -14.09
N ILE B 141 -32.20 -6.54 -14.25
CA ILE B 141 -30.94 -5.86 -14.00
C ILE B 141 -30.02 -6.14 -15.17
N THR B 142 -29.45 -5.10 -15.74
CA THR B 142 -28.49 -5.26 -16.81
C THR B 142 -27.27 -4.39 -16.53
N PRO B 143 -26.06 -4.81 -16.92
CA PRO B 143 -25.73 -6.10 -17.52
C PRO B 143 -25.64 -7.21 -16.49
N ASP B 144 -24.95 -8.29 -16.85
CA ASP B 144 -24.84 -9.45 -16.00
C ASP B 144 -23.78 -9.31 -14.91
N GLN B 145 -22.81 -8.40 -15.08
CA GLN B 145 -21.81 -8.21 -14.05
C GLN B 145 -22.41 -7.55 -12.81
N LEU B 146 -23.19 -6.50 -13.02
CA LEU B 146 -23.87 -5.87 -11.90
C LEU B 146 -24.85 -6.84 -11.25
N MET B 147 -25.54 -7.64 -12.06
CA MET B 147 -26.41 -8.65 -11.50
C MET B 147 -25.63 -9.65 -10.68
N ASN B 148 -24.45 -10.05 -11.16
CA ASN B 148 -23.58 -10.93 -10.41
C ASN B 148 -23.25 -10.32 -9.05
N ILE B 149 -22.99 -9.02 -9.03
CA ILE B 149 -22.68 -8.36 -7.76
C ILE B 149 -23.89 -8.36 -6.83
N PHE B 150 -25.05 -7.96 -7.35
CA PHE B 150 -26.22 -7.69 -6.51
C PHE B 150 -27.08 -8.91 -6.22
N GLN B 151 -26.75 -10.07 -6.81
CA GLN B 151 -27.63 -11.25 -6.75
C GLN B 151 -28.28 -11.49 -5.41
N LYS B 152 -27.52 -11.33 -4.33
CA LYS B 152 -28.03 -11.69 -3.00
C LYS B 152 -29.18 -10.78 -2.59
N ASN B 153 -28.97 -9.46 -2.64
CA ASN B 153 -29.92 -8.50 -2.12
C ASN B 153 -30.74 -7.85 -3.23
N TYR B 154 -30.79 -8.47 -4.40
CA TYR B 154 -31.77 -8.09 -5.42
C TYR B 154 -33.15 -7.83 -4.82
N ASP B 155 -33.59 -8.72 -3.91
CA ASP B 155 -34.92 -8.58 -3.32
C ASP B 155 -35.06 -7.31 -2.49
N MET B 156 -34.09 -7.07 -1.61
CA MET B 156 -34.13 -5.84 -0.80
C MET B 156 -34.07 -4.61 -1.68
N LEU B 157 -33.28 -4.67 -2.75
CA LEU B 157 -33.20 -3.55 -3.67
C LEU B 157 -34.56 -3.25 -4.29
N LEU B 158 -35.27 -4.30 -4.73
CA LEU B 158 -36.64 -4.09 -5.20
C LEU B 158 -37.50 -3.49 -4.09
N ALA B 159 -37.39 -4.02 -2.89
CA ALA B 159 -38.22 -3.56 -1.78
C ALA B 159 -38.02 -2.08 -1.52
N ILE B 160 -36.82 -1.57 -1.75
CA ILE B 160 -36.58 -0.15 -1.50
C ILE B 160 -37.28 0.71 -2.55
N PHE B 161 -37.09 0.39 -3.83
CA PHE B 161 -37.63 1.19 -4.92
C PHE B 161 -38.90 0.60 -5.52
N ASN B 162 -39.71 -0.06 -4.71
CA ASN B 162 -40.91 -0.71 -5.20
C ASN B 162 -41.95 0.30 -5.66
N PRO B 163 -42.18 0.43 -6.96
CA PRO B 163 -43.06 1.49 -7.48
C PRO B 163 -44.51 1.05 -7.66
N GLU B 164 -45.14 0.59 -6.58
CA GLU B 164 -46.53 0.18 -6.65
C GLU B 164 -47.31 0.82 -5.51
N GLY B 165 -48.58 0.49 -5.43
CA GLY B 165 -49.51 1.16 -4.54
C GLY B 165 -50.24 2.28 -5.24
N TRP B 166 -50.90 3.10 -4.44
CA TRP B 166 -51.55 4.26 -5.03
C TRP B 166 -50.62 5.45 -5.00
N LEU B 167 -50.86 6.38 -5.93
CA LEU B 167 -50.08 7.59 -6.06
C LEU B 167 -51.03 8.76 -6.23
N GLU B 168 -51.06 9.64 -5.25
CA GLU B 168 -51.75 10.91 -5.39
C GLU B 168 -50.84 11.88 -6.11
N ILE B 169 -51.33 12.41 -7.21
CA ILE B 169 -50.58 13.35 -8.02
C ILE B 169 -51.02 14.75 -7.64
N THR B 170 -50.11 15.71 -7.73
CA THR B 170 -50.46 17.09 -7.45
C THR B 170 -49.45 18.00 -8.14
N TYR B 171 -49.89 19.22 -8.40
CA TYR B 171 -49.06 20.23 -9.04
C TYR B 171 -48.46 19.68 -10.34
N VAL B 172 -49.35 19.39 -11.28
CA VAL B 172 -48.91 18.90 -12.59
C VAL B 172 -48.56 20.14 -13.40
N ASP B 173 -47.35 20.64 -13.15
CA ASP B 173 -46.84 21.74 -13.94
C ASP B 173 -46.40 21.23 -15.30
N GLU B 174 -46.24 22.16 -16.24
CA GLU B 174 -45.63 21.82 -17.51
C GLU B 174 -44.17 21.45 -17.38
N SER B 175 -43.59 21.58 -16.18
CA SER B 175 -42.19 21.24 -15.97
C SER B 175 -41.98 20.18 -14.89
N LEU B 176 -42.70 20.24 -13.78
CA LEU B 176 -42.43 19.37 -12.66
C LEU B 176 -43.73 18.85 -12.08
N ARG B 177 -43.62 18.06 -11.02
CA ARG B 177 -44.77 17.37 -10.44
C ARG B 177 -44.43 16.93 -9.03
N ILE B 178 -45.45 16.94 -8.18
CA ILE B 178 -45.34 16.51 -6.79
C ILE B 178 -46.23 15.30 -6.62
N GLY B 179 -45.84 14.38 -5.76
CA GLY B 179 -46.68 13.20 -5.57
C GLY B 179 -46.44 12.54 -4.23
N ARG B 180 -47.49 11.86 -3.77
CA ARG B 180 -47.44 11.11 -2.53
C ARG B 180 -47.89 9.68 -2.80
N ASP B 181 -47.46 8.75 -1.97
CA ASP B 181 -47.70 7.34 -2.19
C ASP B 181 -48.50 6.77 -1.04
N ASP B 182 -48.87 5.50 -1.17
CA ASP B 182 -49.44 4.76 -0.05
C ASP B 182 -48.48 4.74 1.12
N LYS B 183 -47.18 4.71 0.86
CA LYS B 183 -46.18 4.75 1.92
C LYS B 183 -45.99 6.13 2.51
N ALA B 184 -46.89 7.07 2.20
CA ALA B 184 -46.86 8.43 2.71
C ALA B 184 -45.58 9.17 2.36
N ASN B 185 -44.74 8.60 1.50
CA ASN B 185 -43.54 9.28 1.09
C ASN B 185 -43.88 10.40 0.13
N ILE B 186 -42.88 11.22 -0.18
CA ILE B 186 -43.05 12.36 -1.08
C ILE B 186 -42.03 12.24 -2.19
N PHE B 187 -42.46 12.53 -3.41
CA PHE B 187 -41.58 12.57 -4.57
C PHE B 187 -41.83 13.87 -5.31
N VAL B 188 -40.77 14.65 -5.52
CA VAL B 188 -40.84 15.81 -6.38
C VAL B 188 -39.89 15.55 -7.54
N LEU B 189 -40.39 15.73 -8.76
CA LEU B 189 -39.62 15.36 -9.92
C LEU B 189 -39.94 16.33 -11.04
N GLU B 190 -39.10 16.34 -12.06
CA GLU B 190 -39.17 17.34 -13.10
C GLU B 190 -39.06 16.68 -14.47
N ARG B 191 -39.56 17.37 -15.48
CA ARG B 191 -39.49 16.87 -16.85
C ARG B 191 -38.04 16.71 -17.28
N ALA B 192 -37.86 16.09 -18.42
CA ALA B 192 -36.53 15.82 -18.98
C ALA B 192 -36.74 15.42 -20.43
N ASP B 193 -35.69 14.93 -21.05
CA ASP B 193 -35.96 14.37 -22.36
C ASP B 193 -35.72 12.87 -22.34
N PRO B 194 -36.55 12.09 -23.02
CA PRO B 194 -36.32 10.63 -23.06
C PRO B 194 -35.06 10.25 -23.78
N SER B 195 -34.49 11.14 -24.59
CA SER B 195 -33.24 10.83 -25.28
C SER B 195 -32.10 10.70 -24.28
N GLU B 196 -31.97 11.65 -23.36
CA GLU B 196 -30.95 11.54 -22.33
C GLU B 196 -31.19 10.33 -21.44
N VAL B 197 -32.44 9.87 -21.38
CA VAL B 197 -32.75 8.65 -20.65
C VAL B 197 -32.13 7.48 -21.39
N MET C 1 3.01 -23.36 -30.61
CA MET C 1 2.92 -22.18 -31.46
C MET C 1 1.78 -21.27 -31.02
N SER C 2 1.05 -21.69 -30.00
CA SER C 2 -0.06 -20.91 -29.50
C SER C 2 -0.36 -21.30 -28.06
N VAL C 3 -0.72 -20.32 -27.23
CA VAL C 3 -0.88 -20.56 -25.81
C VAL C 3 -2.00 -21.57 -25.55
N SER C 4 -3.15 -21.35 -26.19
CA SER C 4 -4.31 -22.21 -25.92
C SER C 4 -4.06 -23.63 -26.41
N SER C 5 -3.45 -23.77 -27.58
CA SER C 5 -3.13 -25.10 -28.09
C SER C 5 -2.22 -25.84 -27.14
N LEU C 6 -1.33 -25.12 -26.47
CA LEU C 6 -0.48 -25.73 -25.46
C LEU C 6 -1.29 -26.14 -24.23
N LEU C 7 -2.09 -25.23 -23.70
CA LEU C 7 -2.73 -25.46 -22.41
C LEU C 7 -3.93 -26.39 -22.48
N GLU C 8 -4.46 -26.66 -23.67
CA GLU C 8 -5.70 -27.43 -23.75
C GLU C 8 -5.59 -28.84 -23.17
N VAL C 9 -4.36 -29.35 -22.99
CA VAL C 9 -4.22 -30.70 -22.47
C VAL C 9 -4.63 -30.79 -21.00
N VAL C 10 -4.49 -29.69 -20.26
CA VAL C 10 -4.79 -29.69 -18.83
C VAL C 10 -5.87 -28.67 -18.50
N ALA C 11 -6.79 -28.46 -19.44
CA ALA C 11 -7.75 -27.35 -19.30
C ALA C 11 -8.72 -27.58 -18.14
N ASP C 12 -9.18 -28.81 -17.96
CA ASP C 12 -10.22 -29.06 -16.96
C ASP C 12 -9.72 -28.79 -15.55
N ASP C 13 -8.49 -29.21 -15.24
CA ASP C 13 -7.92 -28.91 -13.93
C ASP C 13 -7.83 -27.41 -13.71
N LEU C 14 -7.44 -26.66 -14.75
CA LEU C 14 -7.34 -25.22 -14.60
C LEU C 14 -8.71 -24.60 -14.34
N LEU C 15 -9.74 -25.13 -15.00
CA LEU C 15 -11.10 -24.67 -14.74
C LEU C 15 -11.47 -24.88 -13.28
N LYS C 16 -11.21 -26.09 -12.77
CA LYS C 16 -11.50 -26.37 -11.37
C LYS C 16 -10.74 -25.43 -10.45
N LEU C 17 -9.48 -25.17 -10.77
CA LEU C 17 -8.65 -24.33 -9.92
C LEU C 17 -9.17 -22.90 -9.90
N ASN C 18 -9.57 -22.39 -11.06
CA ASN C 18 -10.15 -21.04 -11.11
C ASN C 18 -11.41 -20.96 -10.27
N ASN C 19 -12.27 -21.97 -10.38
CA ASN C 19 -13.48 -21.99 -9.56
C ASN C 19 -13.15 -21.96 -8.08
N ASN C 20 -12.21 -22.80 -7.66
CA ASN C 20 -11.84 -22.87 -6.26
C ASN C 20 -11.29 -21.54 -5.77
N LEU C 21 -10.39 -20.94 -6.56
CA LEU C 21 -9.81 -19.67 -6.17
C LEU C 21 -10.88 -18.59 -6.03
N LYS C 22 -11.81 -18.55 -6.98
CA LYS C 22 -12.89 -17.57 -6.90
C LYS C 22 -13.69 -17.76 -5.63
N SER C 23 -14.12 -18.99 -5.35
CA SER C 23 -14.90 -19.23 -4.16
C SER C 23 -14.12 -18.93 -2.89
N LEU C 24 -12.81 -19.09 -2.92
CA LEU C 24 -12.00 -18.89 -1.73
C LEU C 24 -11.86 -17.42 -1.38
N VAL C 25 -11.31 -16.62 -2.28
CA VAL C 25 -11.12 -15.21 -2.01
C VAL C 25 -12.46 -14.50 -2.04
N GLY C 26 -12.63 -13.53 -1.16
CA GLY C 26 -13.80 -12.68 -1.17
C GLY C 26 -15.09 -13.44 -1.03
N ALA C 27 -15.10 -14.47 -0.20
CA ALA C 27 -16.35 -15.15 0.08
C ALA C 27 -17.38 -14.17 0.62
N GLU C 28 -18.42 -13.93 -0.17
CA GLU C 28 -19.61 -13.17 0.20
C GLU C 28 -19.35 -11.66 0.28
N ASN C 29 -18.12 -11.20 0.13
CA ASN C 29 -17.89 -9.77 0.14
C ASN C 29 -18.03 -9.20 -1.26
N PRO C 30 -18.91 -8.22 -1.47
CA PRO C 30 -19.21 -7.77 -2.85
C PRO C 30 -18.03 -7.15 -3.57
N VAL C 31 -17.44 -6.11 -2.99
CA VAL C 31 -16.33 -5.44 -3.67
C VAL C 31 -15.19 -6.43 -3.91
N LEU C 32 -14.95 -7.31 -2.96
CA LEU C 32 -13.92 -8.32 -3.18
C LEU C 32 -14.39 -9.44 -4.11
N VAL C 33 -15.70 -9.67 -4.24
CA VAL C 33 -16.13 -10.61 -5.28
C VAL C 33 -15.81 -10.06 -6.66
N SER C 34 -16.09 -8.79 -6.89
CA SER C 34 -15.76 -8.19 -8.17
C SER C 34 -14.25 -8.19 -8.40
N ALA C 35 -13.49 -7.78 -7.38
CA ALA C 35 -12.04 -7.78 -7.50
C ALA C 35 -11.53 -9.18 -7.79
N ALA C 36 -12.11 -10.18 -7.13
CA ALA C 36 -11.68 -11.56 -7.33
C ALA C 36 -11.92 -12.00 -8.77
N GLU C 37 -13.10 -11.72 -9.28
CA GLU C 37 -13.39 -12.09 -10.66
C GLU C 37 -12.41 -11.43 -11.61
N GLN C 38 -12.11 -10.16 -11.38
CA GLN C 38 -11.21 -9.47 -12.29
C GLN C 38 -9.77 -9.98 -12.16
N ILE C 39 -9.37 -10.36 -10.96
CA ILE C 39 -7.96 -10.62 -10.69
C ILE C 39 -7.50 -11.90 -11.35
N PHE C 40 -8.24 -12.99 -11.17
CA PHE C 40 -7.85 -14.27 -11.72
C PHE C 40 -8.31 -14.48 -13.16
N GLY C 41 -9.05 -13.53 -13.71
CA GLY C 41 -9.56 -13.68 -15.06
C GLY C 41 -10.35 -14.96 -15.23
N ALA C 42 -10.15 -15.62 -16.37
CA ALA C 42 -10.81 -16.90 -16.63
C ALA C 42 -9.87 -17.76 -17.45
N GLY C 43 -9.49 -18.90 -16.88
CA GLY C 43 -8.51 -19.75 -17.54
C GLY C 43 -7.23 -19.01 -17.80
N GLY C 44 -6.43 -19.52 -18.73
CA GLY C 44 -5.22 -18.83 -19.13
C GLY C 44 -4.30 -18.54 -17.97
N LYS C 45 -3.42 -17.56 -18.14
CA LYS C 45 -2.41 -17.15 -17.18
C LYS C 45 -1.80 -18.38 -16.52
N ARG C 46 -1.70 -19.45 -17.28
CA ARG C 46 -1.56 -20.78 -16.70
C ARG C 46 -0.14 -21.26 -16.62
N LEU C 47 0.80 -20.53 -17.21
CA LEU C 47 2.18 -21.00 -17.32
C LEU C 47 2.64 -21.72 -16.06
N ARG C 48 2.53 -21.06 -14.92
CA ARG C 48 3.01 -21.66 -13.69
C ARG C 48 2.09 -22.78 -13.20
N PRO C 49 0.78 -22.57 -13.03
CA PRO C 49 -0.06 -23.70 -12.62
C PRO C 49 -0.13 -24.82 -13.65
N ALA C 50 -0.15 -24.49 -14.94
CA ALA C 50 -0.17 -25.54 -15.94
C ALA C 50 1.12 -26.34 -15.92
N LEU C 51 2.25 -25.67 -15.72
CA LEU C 51 3.51 -26.37 -15.55
C LEU C 51 3.42 -27.33 -14.38
N VAL C 52 2.87 -26.88 -13.27
CA VAL C 52 2.72 -27.74 -12.10
C VAL C 52 1.94 -29.00 -12.48
N PHE C 53 0.80 -28.81 -13.14
CA PHE C 53 -0.05 -29.95 -13.45
C PHE C 53 0.62 -30.91 -14.43
N LEU C 54 1.34 -30.37 -15.41
CA LEU C 54 2.01 -31.22 -16.39
C LEU C 54 3.08 -32.06 -15.72
N VAL C 55 3.94 -31.44 -14.92
CA VAL C 55 5.00 -32.20 -14.26
C VAL C 55 4.37 -33.22 -13.32
N SER C 56 3.28 -32.84 -12.65
CA SER C 56 2.60 -33.78 -11.77
C SER C 56 2.18 -35.02 -12.54
N ARG C 57 1.51 -34.84 -13.67
CA ARG C 57 1.01 -36.01 -14.41
C ARG C 57 2.15 -36.84 -14.97
N ALA C 58 3.22 -36.20 -15.44
CA ALA C 58 4.34 -36.95 -15.99
C ALA C 58 4.99 -37.82 -14.91
N THR C 59 5.34 -37.22 -13.78
CA THR C 59 5.97 -37.98 -12.72
C THR C 59 5.02 -38.99 -12.11
N ALA C 60 3.71 -38.72 -12.11
CA ALA C 60 2.76 -39.69 -11.59
C ALA C 60 2.67 -40.89 -12.52
N GLU C 61 2.66 -40.64 -13.82
CA GLU C 61 2.69 -41.75 -14.77
C GLU C 61 3.96 -42.58 -14.61
N LEU C 62 5.09 -41.91 -14.36
CA LEU C 62 6.31 -42.67 -14.10
C LEU C 62 6.20 -43.49 -12.82
N ALA C 63 5.66 -42.90 -11.76
CA ALA C 63 5.58 -43.55 -10.47
C ALA C 63 4.35 -44.42 -10.31
N GLY C 64 3.61 -44.64 -11.39
CA GLY C 64 2.53 -45.61 -11.36
C GLY C 64 1.33 -45.23 -10.54
N LEU C 65 1.16 -43.96 -10.19
CA LEU C 65 -0.08 -43.56 -9.55
C LEU C 65 -1.23 -43.66 -10.55
N LEU C 66 -2.44 -43.40 -10.05
CA LEU C 66 -3.62 -43.47 -10.90
C LEU C 66 -4.32 -42.13 -11.06
N GLU C 67 -4.07 -41.17 -10.17
CA GLU C 67 -4.71 -39.87 -10.27
C GLU C 67 -3.98 -38.91 -9.34
N LEU C 68 -4.22 -37.63 -9.55
CA LEU C 68 -3.57 -36.60 -8.77
C LEU C 68 -4.11 -36.59 -7.36
N THR C 69 -3.21 -36.55 -6.38
CA THR C 69 -3.65 -36.37 -5.02
C THR C 69 -4.14 -34.93 -4.82
N THR C 70 -4.85 -34.71 -3.71
CA THR C 70 -5.31 -33.36 -3.41
C THR C 70 -4.17 -32.42 -3.10
N GLU C 71 -3.04 -32.96 -2.64
CA GLU C 71 -1.90 -32.11 -2.33
C GLU C 71 -1.35 -31.44 -3.58
N HIS C 72 -1.42 -32.10 -4.73
CA HIS C 72 -1.01 -31.47 -5.98
C HIS C 72 -1.86 -30.26 -6.29
N GLN C 73 -3.17 -30.38 -6.11
CA GLN C 73 -4.06 -29.25 -6.35
C GLN C 73 -3.76 -28.11 -5.39
N ARG C 74 -3.58 -28.43 -4.11
CA ARG C 74 -3.21 -27.41 -3.14
C ARG C 74 -1.94 -26.71 -3.55
N LEU C 75 -0.95 -27.47 -4.05
CA LEU C 75 0.32 -26.88 -4.45
C LEU C 75 0.13 -25.91 -5.61
N ALA C 76 -0.66 -26.30 -6.60
CA ALA C 76 -0.94 -25.42 -7.72
C ALA C 76 -1.58 -24.12 -7.24
N GLU C 77 -2.57 -24.23 -6.35
CA GLU C 77 -3.22 -23.04 -5.82
C GLU C 77 -2.23 -22.14 -5.09
N ILE C 78 -1.33 -22.75 -4.30
CA ILE C 78 -0.34 -21.98 -3.55
C ILE C 78 0.52 -21.17 -4.51
N ILE C 79 1.02 -21.83 -5.55
CA ILE C 79 1.88 -21.15 -6.52
C ILE C 79 1.16 -19.99 -7.16
N GLU C 80 -0.08 -20.24 -7.60
CA GLU C 80 -0.84 -19.20 -8.27
C GLU C 80 -1.07 -18.01 -7.37
N MET C 81 -1.44 -18.26 -6.12
CA MET C 81 -1.72 -17.16 -5.20
C MET C 81 -0.47 -16.34 -4.92
N ILE C 82 0.67 -17.01 -4.74
CA ILE C 82 1.89 -16.27 -4.47
C ILE C 82 2.25 -15.38 -5.65
N HIS C 83 2.16 -15.91 -6.87
CA HIS C 83 2.51 -15.10 -8.03
C HIS C 83 1.59 -13.90 -8.17
N THR C 84 0.28 -14.11 -7.99
CA THR C 84 -0.66 -13.01 -8.12
C THR C 84 -0.41 -11.92 -7.09
N ALA C 85 -0.16 -12.32 -5.84
CA ALA C 85 0.09 -11.33 -4.80
C ALA C 85 1.36 -10.54 -5.10
N SER C 86 2.40 -11.24 -5.56
CA SER C 86 3.62 -10.55 -5.93
C SER C 86 3.36 -9.48 -6.97
N LEU C 87 2.60 -9.83 -8.02
CA LEU C 87 2.32 -8.86 -9.07
C LEU C 87 1.56 -7.65 -8.53
N ILE C 88 0.53 -7.91 -7.71
CA ILE C 88 -0.27 -6.80 -7.17
C ILE C 88 0.61 -5.84 -6.38
N HIS C 89 1.41 -6.38 -5.45
CA HIS C 89 2.21 -5.51 -4.61
C HIS C 89 3.27 -4.79 -5.41
N ASP C 90 3.82 -5.46 -6.43
CA ASP C 90 4.77 -4.80 -7.31
C ASP C 90 4.15 -3.63 -8.05
N ASP C 91 2.89 -3.76 -8.42
CA ASP C 91 2.18 -2.63 -9.01
C ASP C 91 2.07 -1.46 -8.06
N VAL C 92 1.70 -1.70 -6.81
CA VAL C 92 1.60 -0.59 -5.87
C VAL C 92 2.96 0.03 -5.61
N ILE C 93 4.00 -0.79 -5.50
CA ILE C 93 5.36 -0.28 -5.39
C ILE C 93 5.72 0.37 -6.72
N ASP C 94 6.67 1.31 -6.68
CA ASP C 94 7.24 1.98 -7.83
C ASP C 94 6.18 2.62 -8.72
N ASP C 95 4.95 2.68 -8.21
CA ASP C 95 3.90 3.58 -8.66
C ASP C 95 3.90 3.86 -10.15
N SER C 96 3.91 2.82 -10.98
CA SER C 96 3.84 3.01 -12.41
C SER C 96 2.46 2.59 -12.88
N GLY C 97 2.08 2.90 -14.13
CA GLY C 97 0.68 2.62 -14.48
C GLY C 97 0.35 1.95 -15.80
N MET C 98 -0.91 1.51 -15.95
CA MET C 98 -1.40 0.90 -17.21
C MET C 98 -0.56 -0.30 -17.62
N ARG C 99 -0.29 -1.22 -16.70
CA ARG C 99 0.43 -2.44 -17.14
C ARG C 99 -0.38 -3.00 -18.31
N ARG C 100 0.22 -3.08 -19.51
CA ARG C 100 -0.59 -3.50 -20.68
C ARG C 100 -1.94 -2.83 -20.50
N GLY C 101 -1.93 -1.52 -20.28
CA GLY C 101 -3.20 -0.85 -19.98
C GLY C 101 -3.79 -1.58 -18.80
N LYS C 102 -4.64 -2.55 -19.07
CA LYS C 102 -5.17 -3.37 -17.96
C LYS C 102 -4.99 -2.54 -16.70
N GLU C 103 -5.53 -1.33 -16.73
CA GLU C 103 -5.46 -0.50 -15.53
C GLU C 103 -5.28 -1.47 -14.36
N THR C 104 -4.11 -1.47 -13.78
CA THR C 104 -3.84 -2.33 -12.64
C THR C 104 -4.89 -2.17 -11.59
N ILE C 105 -5.11 -3.21 -10.82
CA ILE C 105 -6.16 -3.13 -9.81
C ILE C 105 -5.91 -2.01 -8.81
N HIS C 106 -4.67 -1.55 -8.70
CA HIS C 106 -4.40 -0.40 -7.84
C HIS C 106 -5.12 0.84 -8.34
N GLN C 107 -5.24 0.97 -9.65
CA GLN C 107 -5.99 2.08 -10.22
C GLN C 107 -7.48 1.81 -10.19
N LEU C 108 -7.89 0.58 -10.49
CA LEU C 108 -9.31 0.28 -10.56
C LEU C 108 -9.98 0.32 -9.19
N TYR C 109 -9.33 -0.23 -8.17
CA TYR C 109 -9.97 -0.39 -6.87
C TYR C 109 -9.32 0.42 -5.76
N GLY C 110 -8.16 1.01 -6.01
CA GLY C 110 -7.54 1.85 -5.00
C GLY C 110 -6.52 1.11 -4.15
N THR C 111 -5.76 1.90 -3.38
CA THR C 111 -4.64 1.36 -2.63
C THR C 111 -5.09 0.43 -1.51
N ARG C 112 -6.12 0.84 -0.78
CA ARG C 112 -6.58 0.06 0.36
C ARG C 112 -6.94 -1.36 -0.05
N VAL C 113 -7.77 -1.51 -1.07
CA VAL C 113 -8.21 -2.83 -1.51
C VAL C 113 -7.02 -3.66 -1.97
N ALA C 114 -6.08 -3.03 -2.69
CA ALA C 114 -4.94 -3.77 -3.21
C ALA C 114 -4.10 -4.33 -2.08
N VAL C 115 -3.77 -3.50 -1.10
CA VAL C 115 -2.94 -3.96 0.02
C VAL C 115 -3.66 -5.04 0.80
N LEU C 116 -4.95 -4.83 1.06
CA LEU C 116 -5.73 -5.82 1.79
C LEU C 116 -5.78 -7.15 1.06
N ALA C 117 -5.96 -7.12 -0.26
CA ALA C 117 -6.06 -8.35 -1.02
C ALA C 117 -4.73 -9.07 -1.09
N GLY C 118 -3.64 -8.33 -1.27
CA GLY C 118 -2.34 -8.95 -1.23
C GLY C 118 -2.09 -9.65 0.09
N ASP C 119 -2.42 -8.99 1.19
CA ASP C 119 -2.25 -9.62 2.49
C ASP C 119 -3.10 -10.87 2.61
N PHE C 120 -4.35 -10.80 2.15
CA PHE C 120 -5.23 -11.96 2.24
C PHE C 120 -4.66 -13.14 1.48
N MET C 121 -4.14 -12.90 0.28
CA MET C 121 -3.60 -13.99 -0.51
C MET C 121 -2.36 -14.60 0.13
N PHE C 122 -1.46 -13.74 0.64
CA PHE C 122 -0.29 -14.26 1.34
C PHE C 122 -0.69 -15.13 2.52
N ALA C 123 -1.66 -14.66 3.31
CA ALA C 123 -2.06 -15.40 4.50
C ALA C 123 -2.67 -16.74 4.14
N GLN C 124 -3.55 -16.76 3.14
CA GLN C 124 -4.17 -18.02 2.74
C GLN C 124 -3.13 -19.00 2.24
N SER C 125 -2.16 -18.51 1.47
CA SER C 125 -1.11 -19.39 0.97
C SER C 125 -0.31 -19.99 2.13
N SER C 126 -0.01 -19.18 3.14
CA SER C 126 0.69 -19.69 4.31
C SER C 126 -0.12 -20.78 5.00
N TRP C 127 -1.42 -20.57 5.14
CA TRP C 127 -2.25 -21.56 5.82
C TRP C 127 -2.27 -22.88 5.06
N PHE C 128 -2.46 -22.83 3.73
CA PHE C 128 -2.45 -24.05 2.94
C PHE C 128 -1.10 -24.74 3.01
N LEU C 129 -0.03 -23.96 2.93
CA LEU C 129 1.32 -24.51 3.02
C LEU C 129 1.51 -25.27 4.32
N ALA C 130 1.09 -24.69 5.43
CA ALA C 130 1.20 -25.39 6.70
C ALA C 130 0.34 -26.64 6.71
N ASN C 131 -0.80 -26.62 6.05
CA ASN C 131 -1.63 -27.81 5.98
C ASN C 131 -1.02 -28.91 5.12
N LEU C 132 -0.09 -28.59 4.23
CA LEU C 132 0.51 -29.62 3.37
C LEU C 132 1.16 -30.72 4.20
N GLU C 133 1.79 -30.36 5.31
CA GLU C 133 2.43 -31.32 6.22
C GLU C 133 3.67 -32.00 5.63
N ASN C 134 4.58 -31.24 5.04
CA ASN C 134 5.86 -31.76 4.60
C ASN C 134 6.91 -30.68 4.77
N ILE C 135 7.79 -30.86 5.75
CA ILE C 135 8.63 -29.77 6.23
C ILE C 135 9.61 -29.30 5.16
N GLU C 136 10.05 -30.21 4.30
CA GLU C 136 11.04 -29.83 3.28
C GLU C 136 10.43 -28.90 2.23
N VAL C 137 9.22 -29.21 1.77
CA VAL C 137 8.55 -28.34 0.81
C VAL C 137 8.29 -26.98 1.43
N ILE C 138 7.90 -26.96 2.70
CA ILE C 138 7.69 -25.69 3.40
C ILE C 138 8.96 -24.87 3.40
N LYS C 139 10.09 -25.52 3.69
CA LYS C 139 11.37 -24.82 3.67
C LYS C 139 11.64 -24.22 2.31
N LEU C 140 11.40 -24.98 1.24
CA LEU C 140 11.62 -24.47 -0.11
C LEU C 140 10.79 -23.22 -0.38
N ILE C 141 9.48 -23.29 -0.12
CA ILE C 141 8.61 -22.17 -0.46
C ILE C 141 8.95 -20.95 0.37
N SER C 142 9.30 -21.16 1.64
CA SER C 142 9.69 -20.04 2.49
C SER C 142 10.95 -19.37 1.96
N GLN C 143 11.91 -20.18 1.53
CA GLN C 143 13.10 -19.64 0.89
C GLN C 143 12.74 -18.76 -0.29
N VAL C 144 11.80 -19.22 -1.11
CA VAL C 144 11.39 -18.44 -2.28
C VAL C 144 10.86 -17.07 -1.87
N ILE C 145 9.97 -17.05 -0.89
CA ILE C 145 9.36 -15.79 -0.47
C ILE C 145 10.43 -14.83 0.05
N LYS C 146 11.32 -15.34 0.90
CA LYS C 146 12.35 -14.49 1.48
C LYS C 146 13.26 -13.93 0.40
N ASP C 147 13.60 -14.76 -0.58
CA ASP C 147 14.47 -14.28 -1.66
C ASP C 147 13.80 -13.20 -2.47
N PHE C 148 12.50 -13.32 -2.70
CA PHE C 148 11.81 -12.27 -3.43
C PHE C 148 11.84 -10.95 -2.67
N ALA C 149 11.58 -10.99 -1.37
CA ALA C 149 11.62 -9.77 -0.58
C ALA C 149 13.01 -9.13 -0.60
N SER C 150 14.03 -9.95 -0.40
CA SER C 150 15.40 -9.45 -0.41
C SER C 150 15.75 -8.84 -1.76
N GLY C 151 15.32 -9.48 -2.85
CA GLY C 151 15.64 -8.95 -4.17
C GLY C 151 14.97 -7.61 -4.40
N GLU C 152 13.72 -7.46 -3.96
CA GLU C 152 13.07 -6.16 -4.04
C GLU C 152 13.88 -5.10 -3.32
N ILE C 153 14.29 -5.39 -2.09
CA ILE C 153 15.05 -4.40 -1.32
C ILE C 153 16.36 -4.07 -2.01
N LYS C 154 17.02 -5.08 -2.57
CA LYS C 154 18.36 -4.89 -3.12
C LYS C 154 18.35 -4.18 -4.46
N GLN C 155 17.29 -4.34 -5.24
CA GLN C 155 17.26 -3.72 -6.57
C GLN C 155 17.32 -2.20 -6.48
N ALA C 156 16.85 -1.62 -5.39
CA ALA C 156 16.91 -0.17 -5.25
C ALA C 156 18.34 0.34 -5.13
N SER C 157 19.22 -0.43 -4.52
CA SER C 157 20.57 0.03 -4.29
C SER C 157 21.48 -0.16 -5.49
N THR C 158 21.01 -0.79 -6.55
CA THR C 158 21.85 -1.05 -7.71
C THR C 158 21.41 -0.28 -8.95
N LEU C 159 20.64 0.78 -8.77
CA LEU C 159 20.18 1.56 -9.91
C LEU C 159 21.36 2.30 -10.56
N PHE C 160 21.43 2.24 -11.89
CA PHE C 160 22.41 2.96 -12.70
C PHE C 160 23.84 2.50 -12.43
N ASP C 161 24.04 1.32 -11.86
CA ASP C 161 25.40 0.85 -11.62
C ASP C 161 26.08 0.55 -12.94
N CYS C 162 27.01 1.40 -13.34
CA CYS C 162 27.61 1.36 -14.65
C CYS C 162 28.56 0.19 -14.85
N ASP C 163 28.66 -0.70 -13.87
CA ASP C 163 29.50 -1.88 -14.07
C ASP C 163 28.87 -2.96 -13.20
N ILE C 164 28.39 -4.00 -13.86
CA ILE C 164 27.79 -5.16 -13.20
C ILE C 164 28.02 -6.35 -14.12
N THR C 165 28.08 -7.53 -13.53
CA THR C 165 28.46 -8.71 -14.30
C THR C 165 27.21 -9.46 -14.76
N LEU C 166 27.45 -10.41 -15.66
CA LEU C 166 26.37 -11.28 -16.12
C LEU C 166 25.85 -12.14 -14.99
N ASP C 167 26.73 -12.58 -14.09
CA ASP C 167 26.31 -13.40 -12.97
C ASP C 167 25.36 -12.64 -12.05
N ASP C 168 25.64 -11.37 -11.81
CA ASP C 168 24.76 -10.59 -10.95
C ASP C 168 23.38 -10.46 -11.56
N TYR C 169 23.32 -10.17 -12.85
CA TYR C 169 22.04 -10.07 -13.52
C TYR C 169 21.30 -11.40 -13.49
N LEU C 170 22.02 -12.49 -13.70
CA LEU C 170 21.39 -13.81 -13.64
C LEU C 170 20.85 -14.09 -12.25
N LEU C 171 21.56 -13.68 -11.21
CA LEU C 171 21.11 -13.98 -9.85
C LEU C 171 19.93 -13.10 -9.48
N LYS C 172 19.92 -11.85 -9.93
CA LYS C 172 18.77 -11.00 -9.71
C LYS C 172 17.54 -11.55 -10.41
N SER C 173 17.71 -12.02 -11.65
CA SER C 173 16.59 -12.63 -12.36
C SER C 173 16.15 -13.92 -11.69
N TYR C 174 17.08 -14.66 -11.11
CA TYR C 174 16.73 -15.87 -10.36
C TYR C 174 15.84 -15.51 -9.19
N TYR C 175 16.21 -14.47 -8.44
CA TYR C 175 15.36 -14.04 -7.34
C TYR C 175 14.03 -13.50 -7.83
N LYS C 176 13.98 -12.99 -9.05
CA LYS C 176 12.75 -12.40 -9.54
C LYS C 176 11.75 -13.45 -9.99
N THR C 177 12.16 -14.39 -10.82
CA THR C 177 11.15 -15.32 -11.33
C THR C 177 11.53 -16.79 -11.21
N ALA C 178 12.80 -17.14 -11.43
CA ALA C 178 13.13 -18.55 -11.64
C ALA C 178 12.90 -19.39 -10.40
N SER C 179 13.09 -18.81 -9.21
CA SER C 179 12.99 -19.59 -7.99
C SER C 179 11.60 -20.17 -7.82
N LEU C 180 10.58 -19.40 -8.17
CA LEU C 180 9.21 -19.87 -8.00
C LEU C 180 8.94 -21.09 -8.86
N ILE C 181 9.29 -21.02 -10.15
CA ILE C 181 9.02 -22.13 -11.05
C ILE C 181 9.86 -23.34 -10.69
N ALA C 182 11.12 -23.13 -10.30
CA ALA C 182 11.96 -24.24 -9.91
C ALA C 182 11.41 -24.94 -8.68
N ALA C 183 11.05 -24.17 -7.65
CA ALA C 183 10.48 -24.75 -6.45
C ALA C 183 9.20 -25.49 -6.76
N SER C 184 8.38 -24.94 -7.66
CA SER C 184 7.13 -25.59 -7.99
C SER C 184 7.36 -26.96 -8.61
N THR C 185 8.25 -27.03 -9.60
CA THR C 185 8.51 -28.33 -10.23
C THR C 185 9.07 -29.33 -9.23
N ARG C 186 10.03 -28.89 -8.40
CA ARG C 186 10.62 -29.83 -7.46
C ARG C 186 9.60 -30.31 -6.43
N SER C 187 8.75 -29.42 -5.94
CA SER C 187 7.75 -29.81 -4.97
C SER C 187 6.75 -30.77 -5.57
N ALA C 188 6.36 -30.52 -6.82
CA ALA C 188 5.45 -31.44 -7.49
C ALA C 188 6.06 -32.82 -7.57
N ALA C 189 7.34 -32.88 -7.98
CA ALA C 189 8.01 -34.19 -8.06
C ALA C 189 8.06 -34.86 -6.70
N ILE C 190 8.33 -34.11 -5.64
CA ILE C 190 8.38 -34.68 -4.30
C ILE C 190 7.04 -35.28 -3.92
N PHE C 191 5.97 -34.53 -4.14
CA PHE C 191 4.64 -35.06 -3.83
C PHE C 191 4.29 -36.26 -4.69
N SER C 192 4.84 -36.36 -5.89
CA SER C 192 4.60 -37.55 -6.70
C SER C 192 5.39 -38.75 -6.21
N GLY C 193 6.45 -38.53 -5.44
CA GLY C 193 7.19 -39.65 -4.90
C GLY C 193 8.05 -40.36 -5.93
N VAL C 194 9.05 -39.69 -6.46
CA VAL C 194 9.97 -40.28 -7.42
C VAL C 194 11.37 -40.21 -6.80
N SER C 195 12.37 -40.73 -7.50
CA SER C 195 13.72 -40.73 -6.98
C SER C 195 14.23 -39.31 -6.81
N THR C 196 15.39 -39.18 -6.15
CA THR C 196 15.94 -37.89 -5.83
C THR C 196 16.63 -37.23 -7.03
N ALA C 197 17.39 -38.02 -7.79
CA ALA C 197 18.09 -37.46 -8.93
C ALA C 197 17.13 -36.86 -9.94
N ILE C 198 15.97 -37.50 -10.12
CA ILE C 198 14.99 -36.94 -11.03
C ILE C 198 14.44 -35.64 -10.50
N CYS C 199 14.32 -35.52 -9.17
CA CYS C 199 13.89 -34.25 -8.59
C CYS C 199 14.92 -33.16 -8.84
N GLU C 200 16.21 -33.50 -8.76
CA GLU C 200 17.24 -32.52 -9.08
C GLU C 200 17.16 -32.10 -10.54
N GLN C 201 16.94 -33.06 -11.43
CA GLN C 201 16.77 -32.75 -12.84
C GLN C 201 15.60 -31.80 -13.05
N MET C 202 14.47 -32.06 -12.39
CA MET C 202 13.32 -31.18 -12.54
C MET C 202 13.61 -29.79 -12.01
N TYR C 203 14.36 -29.71 -10.91
CA TYR C 203 14.77 -28.42 -10.38
C TYR C 203 15.57 -27.64 -11.42
N GLU C 204 16.52 -28.31 -12.07
CA GLU C 204 17.30 -27.65 -13.10
C GLU C 204 16.43 -27.20 -14.26
N TYR C 205 15.46 -28.04 -14.65
CA TYR C 205 14.55 -27.65 -15.71
C TYR C 205 13.83 -26.36 -15.37
N GLY C 206 13.24 -26.30 -14.17
CA GLY C 206 12.53 -25.11 -13.76
C GLY C 206 13.42 -23.88 -13.77
N ARG C 207 14.62 -24.02 -13.21
CA ARG C 207 15.56 -22.91 -13.19
C ARG C 207 15.80 -22.36 -14.58
N ASN C 208 16.17 -23.23 -15.52
CA ASN C 208 16.57 -22.75 -16.82
C ASN C 208 15.39 -22.19 -17.59
N LEU C 209 14.20 -22.77 -17.42
CA LEU C 209 13.03 -22.21 -18.10
C LEU C 209 12.70 -20.82 -17.58
N GLY C 210 12.77 -20.62 -16.27
CA GLY C 210 12.52 -19.30 -15.73
C GLY C 210 13.51 -18.28 -16.25
N LEU C 211 14.78 -18.66 -16.30
CA LEU C 211 15.80 -17.74 -16.81
C LEU C 211 15.51 -17.37 -18.26
N SER C 212 15.13 -18.36 -19.07
CA SER C 212 14.80 -18.07 -20.46
C SER C 212 13.65 -17.09 -20.58
N PHE C 213 12.55 -17.34 -19.86
CA PHE C 213 11.44 -16.39 -19.85
C PHE C 213 11.90 -14.98 -19.53
N GLN C 214 12.66 -14.82 -18.44
CA GLN C 214 13.00 -13.46 -18.03
C GLN C 214 13.84 -12.76 -19.09
N VAL C 215 14.84 -13.46 -19.65
CA VAL C 215 15.69 -12.85 -20.65
C VAL C 215 14.89 -12.46 -21.88
N VAL C 216 13.96 -13.33 -22.30
CA VAL C 216 13.16 -13.01 -23.49
C VAL C 216 12.27 -11.81 -23.22
N ASP C 217 11.78 -11.67 -22.00
CA ASP C 217 11.00 -10.49 -21.67
C ASP C 217 11.83 -9.22 -21.78
N ASP C 218 13.05 -9.26 -21.26
CA ASP C 218 13.91 -8.08 -21.40
C ASP C 218 14.17 -7.75 -22.85
N ILE C 219 14.32 -8.77 -23.70
CA ILE C 219 14.56 -8.50 -25.11
C ILE C 219 13.33 -7.86 -25.74
N LEU C 220 12.15 -8.41 -25.47
CA LEU C 220 10.92 -7.83 -26.02
C LEU C 220 10.74 -6.39 -25.57
N ASP C 221 11.21 -6.06 -24.37
CA ASP C 221 11.09 -4.68 -23.91
C ASP C 221 11.79 -3.69 -24.83
N PHE C 222 12.80 -4.15 -25.57
CA PHE C 222 13.55 -3.25 -26.44
C PHE C 222 12.91 -3.08 -27.80
N THR C 223 12.43 -4.17 -28.39
CA THR C 223 12.02 -4.15 -29.79
C THR C 223 10.55 -3.89 -29.99
N GLN C 224 9.74 -3.96 -28.94
CA GLN C 224 8.31 -3.79 -29.12
C GLN C 224 7.98 -2.35 -29.43
N SER C 225 6.92 -2.16 -30.22
CA SER C 225 6.44 -0.82 -30.51
C SER C 225 5.65 -0.29 -29.31
N ALA C 226 5.67 1.03 -29.16
CA ALA C 226 5.12 1.65 -27.96
C ALA C 226 3.64 1.34 -27.78
N GLU C 227 2.92 1.13 -28.89
CA GLU C 227 1.48 0.90 -28.78
C GLU C 227 1.16 -0.49 -28.26
N GLN C 228 2.01 -1.48 -28.54
CA GLN C 228 1.80 -2.81 -27.99
C GLN C 228 1.89 -2.83 -26.48
N LEU C 229 2.22 -1.70 -25.86
CA LEU C 229 2.30 -1.56 -24.41
C LEU C 229 1.97 -0.11 -24.10
N GLY C 230 2.39 0.37 -22.93
CA GLY C 230 2.26 1.77 -22.62
C GLY C 230 3.53 2.51 -23.00
N LYS C 231 4.34 2.83 -21.99
CA LYS C 231 5.59 3.54 -22.21
C LYS C 231 6.39 2.91 -23.34
N PRO C 232 6.92 3.70 -24.27
CA PRO C 232 7.77 3.14 -25.33
C PRO C 232 8.96 2.40 -24.76
N ALA C 233 9.67 1.74 -25.67
CA ALA C 233 10.72 0.81 -25.32
C ALA C 233 11.79 1.47 -24.45
N GLY C 234 12.59 0.63 -23.79
CA GLY C 234 13.62 1.13 -22.93
C GLY C 234 13.11 1.87 -21.71
N SER C 235 11.92 1.52 -21.23
CA SER C 235 11.38 2.16 -20.04
C SER C 235 12.27 1.90 -18.83
N ASP C 236 12.48 0.62 -18.53
CA ASP C 236 13.31 0.27 -17.38
C ASP C 236 14.75 0.73 -17.57
N LEU C 237 15.21 0.80 -18.81
CA LEU C 237 16.53 1.38 -19.07
C LEU C 237 16.58 2.82 -18.61
N ALA C 238 15.56 3.60 -18.93
CA ALA C 238 15.50 4.97 -18.46
C ALA C 238 15.39 5.03 -16.95
N LYS C 239 14.67 4.09 -16.35
CA LYS C 239 14.51 4.11 -14.90
C LYS C 239 15.80 3.78 -14.15
N GLY C 240 16.83 3.33 -14.83
CA GLY C 240 18.07 2.95 -14.19
C GLY C 240 18.27 1.46 -14.05
N ASN C 241 17.44 0.66 -14.68
CA ASN C 241 17.51 -0.78 -14.59
C ASN C 241 18.21 -1.29 -15.84
N LEU C 242 19.41 -1.82 -15.67
CA LEU C 242 20.13 -2.37 -16.81
C LEU C 242 19.66 -3.78 -17.10
N THR C 243 19.59 -4.11 -18.38
CA THR C 243 19.16 -5.43 -18.83
C THR C 243 20.31 -6.12 -19.54
N ALA C 244 20.05 -7.32 -20.01
CA ALA C 244 21.10 -8.13 -20.64
C ALA C 244 21.67 -7.48 -21.89
N PRO C 245 20.86 -6.96 -22.84
CA PRO C 245 21.48 -6.30 -23.99
C PRO C 245 22.37 -5.14 -23.60
N VAL C 246 21.96 -4.39 -22.58
CA VAL C 246 22.78 -3.26 -22.12
C VAL C 246 24.12 -3.77 -21.61
N ILE C 247 24.11 -4.84 -20.82
CA ILE C 247 25.35 -5.37 -20.28
C ILE C 247 26.27 -5.85 -21.40
N PHE C 248 25.70 -6.57 -22.37
CA PHE C 248 26.50 -7.03 -23.50
C PHE C 248 27.07 -5.87 -24.30
N ALA C 249 26.30 -4.80 -24.46
CA ALA C 249 26.78 -3.68 -25.23
C ALA C 249 27.82 -2.86 -24.48
N LEU C 250 27.74 -2.86 -23.14
CA LEU C 250 28.67 -2.03 -22.36
C LEU C 250 30.11 -2.48 -22.50
N GLN C 251 30.33 -3.72 -22.90
CA GLN C 251 31.68 -4.20 -23.12
C GLN C 251 32.29 -3.67 -24.41
N ASP C 252 31.62 -2.78 -25.10
CA ASP C 252 32.15 -2.33 -26.39
C ASP C 252 32.25 -0.81 -26.51
N GLU C 253 31.31 -0.07 -25.96
CA GLU C 253 31.26 1.35 -26.22
C GLU C 253 31.40 2.16 -24.95
N PRO C 254 32.34 3.09 -24.90
CA PRO C 254 32.42 4.01 -23.75
C PRO C 254 31.40 5.12 -23.83
N GLN C 255 31.03 5.54 -25.04
CA GLN C 255 30.03 6.59 -25.17
C GLN C 255 28.73 6.20 -24.49
N LEU C 256 28.35 4.93 -24.61
CA LEU C 256 27.21 4.44 -23.85
C LEU C 256 27.44 4.60 -22.35
N ARG C 257 28.66 4.35 -21.90
CA ARG C 257 28.96 4.51 -20.48
C ARG C 257 28.73 5.95 -20.04
N GLU C 258 29.21 6.91 -20.83
CA GLU C 258 29.01 8.30 -20.43
C GLU C 258 27.55 8.70 -20.50
N ILE C 259 26.82 8.20 -21.49
CA ILE C 259 25.41 8.54 -21.60
C ILE C 259 24.66 8.01 -20.39
N ILE C 260 24.93 6.77 -19.99
CA ILE C 260 24.28 6.22 -18.80
C ILE C 260 24.69 7.01 -17.57
N ASP C 261 25.99 7.24 -17.40
CA ASP C 261 26.46 7.98 -16.25
C ASP C 261 25.96 9.41 -16.24
N SER C 262 25.64 9.96 -17.41
CA SER C 262 25.01 11.26 -17.46
C SER C 262 23.58 11.25 -16.96
N GLU C 263 23.10 10.09 -16.51
CA GLU C 263 21.71 9.92 -16.10
C GLU C 263 20.76 10.40 -17.19
N PHE C 264 21.15 10.17 -18.44
CA PHE C 264 20.38 10.59 -19.60
C PHE C 264 20.00 12.05 -19.51
N SER C 265 20.98 12.90 -19.23
CA SER C 265 20.73 14.33 -19.12
C SER C 265 20.55 14.97 -20.50
N GLU C 266 21.39 14.62 -21.45
CA GLU C 266 21.34 15.22 -22.78
C GLU C 266 20.10 14.73 -23.51
N THR C 267 19.54 15.61 -24.33
CA THR C 267 18.29 15.30 -25.01
C THR C 267 18.49 14.22 -26.05
N ASN C 268 17.48 13.36 -26.20
CA ASN C 268 17.49 12.27 -27.17
C ASN C 268 18.60 11.27 -26.92
N SER C 269 19.24 11.34 -25.75
CA SER C 269 20.21 10.32 -25.39
C SER C 269 19.56 8.95 -25.31
N LEU C 270 18.27 8.91 -25.04
CA LEU C 270 17.56 7.64 -24.97
C LEU C 270 17.55 6.92 -26.32
N ALA C 271 17.08 7.61 -27.36
CA ALA C 271 17.04 6.99 -28.68
C ALA C 271 18.44 6.75 -29.21
N THR C 272 19.36 7.66 -28.93
CA THR C 272 20.75 7.45 -29.30
C THR C 272 21.29 6.17 -28.69
N ALA C 273 21.00 5.95 -27.41
CA ALA C 273 21.48 4.75 -26.74
C ALA C 273 20.82 3.50 -27.28
N ILE C 274 19.52 3.59 -27.59
CA ILE C 274 18.84 2.42 -28.15
C ILE C 274 19.45 2.04 -29.49
N GLU C 275 19.75 3.03 -30.32
CA GLU C 275 20.40 2.75 -31.59
C GLU C 275 21.81 2.22 -31.37
N LEU C 276 22.51 2.73 -30.36
CA LEU C 276 23.83 2.20 -30.02
C LEU C 276 23.75 0.72 -29.68
N VAL C 277 22.76 0.34 -28.87
CA VAL C 277 22.61 -1.06 -28.46
C VAL C 277 22.28 -1.91 -29.67
N HIS C 278 21.37 -1.43 -30.52
CA HIS C 278 21.06 -2.16 -31.74
C HIS C 278 22.30 -2.34 -32.59
N ARG C 279 23.13 -1.33 -32.68
CA ARG C 279 24.30 -1.39 -33.54
C ARG C 279 25.37 -2.31 -32.96
N SER C 280 25.50 -2.34 -31.64
CA SER C 280 26.53 -3.16 -31.02
C SER C 280 26.23 -4.64 -31.11
N GLY C 281 24.97 -5.00 -31.37
CA GLY C 281 24.64 -6.40 -31.52
C GLY C 281 24.45 -7.15 -30.23
N GLY C 282 24.11 -6.46 -29.14
CA GLY C 282 23.81 -7.14 -27.91
C GLY C 282 22.57 -8.03 -28.00
N ILE C 283 21.69 -7.74 -28.94
CA ILE C 283 20.47 -8.52 -29.07
C ILE C 283 20.78 -9.92 -29.58
N LYS C 284 21.71 -10.04 -30.51
CA LYS C 284 22.10 -11.37 -31.00
C LYS C 284 22.70 -12.20 -29.88
N ARG C 285 23.57 -11.59 -29.07
CA ARG C 285 24.19 -12.33 -27.97
C ARG C 285 23.17 -12.73 -26.92
N ALA C 286 22.21 -11.84 -26.63
CA ALA C 286 21.15 -12.21 -25.71
C ALA C 286 20.31 -13.35 -26.26
N HIS C 287 20.07 -13.34 -27.57
CA HIS C 287 19.36 -14.42 -28.23
C HIS C 287 20.10 -15.74 -28.03
N GLU C 288 21.42 -15.72 -28.22
CA GLU C 288 22.22 -16.92 -28.01
C GLU C 288 22.16 -17.40 -26.58
N LEU C 289 22.23 -16.47 -25.62
CA LEU C 289 22.14 -16.83 -24.21
C LEU C 289 20.82 -17.53 -23.90
N ALA C 290 19.72 -16.95 -24.38
CA ALA C 290 18.42 -17.57 -24.20
C ALA C 290 18.39 -18.97 -24.81
N ARG C 291 19.02 -19.13 -25.96
CA ARG C 291 19.03 -20.44 -26.60
C ARG C 291 19.82 -21.45 -25.79
N GLU C 292 20.92 -21.03 -25.19
CA GLU C 292 21.67 -21.95 -24.33
C GLU C 292 20.84 -22.41 -23.16
N LYS C 293 20.15 -21.47 -22.51
CA LYS C 293 19.28 -21.83 -21.39
C LYS C 293 18.23 -22.85 -21.83
N GLY C 294 17.58 -22.58 -22.97
CA GLY C 294 16.57 -23.50 -23.45
C GLY C 294 17.14 -24.87 -23.78
N GLU C 295 18.33 -24.91 -24.34
CA GLU C 295 18.95 -26.19 -24.68
C GLU C 295 19.25 -26.99 -23.43
N ILE C 296 19.73 -26.33 -22.38
CA ILE C 296 19.94 -27.02 -21.11
C ILE C 296 18.64 -27.61 -20.60
N ALA C 297 17.56 -26.83 -20.67
CA ALA C 297 16.27 -27.33 -20.19
C ALA C 297 15.83 -28.55 -20.98
N ILE C 298 15.97 -28.51 -22.30
CA ILE C 298 15.54 -29.63 -23.13
C ILE C 298 16.34 -30.87 -22.80
N GLN C 299 17.65 -30.73 -22.66
CA GLN C 299 18.47 -31.89 -22.33
C GLN C 299 18.09 -32.43 -20.95
N SER C 300 17.76 -31.54 -20.02
CA SER C 300 17.34 -32.00 -18.70
C SER C 300 16.06 -32.83 -18.78
N LEU C 301 15.16 -32.46 -19.67
CA LEU C 301 13.92 -33.22 -19.81
C LEU C 301 14.13 -34.64 -20.32
N GLN C 302 15.34 -35.01 -20.72
CA GLN C 302 15.58 -36.35 -21.25
C GLN C 302 15.43 -37.46 -20.22
N CYS C 303 15.27 -37.12 -18.94
CA CYS C 303 15.08 -38.14 -17.93
C CYS C 303 13.68 -38.72 -17.93
N LEU C 304 12.72 -38.01 -18.42
CA LEU C 304 11.39 -38.59 -18.35
C LEU C 304 11.13 -39.49 -19.56
N PRO C 305 10.40 -40.59 -19.36
CA PRO C 305 10.09 -41.48 -20.47
C PRO C 305 9.14 -40.83 -21.46
N ARG C 306 9.06 -41.43 -22.64
CA ARG C 306 8.23 -40.90 -23.72
C ARG C 306 6.80 -40.65 -23.25
N SER C 307 6.21 -39.58 -23.74
CA SER C 307 4.86 -39.21 -23.36
C SER C 307 4.40 -38.06 -24.24
N GLU C 308 3.20 -37.55 -23.95
CA GLU C 308 2.68 -36.36 -24.59
C GLU C 308 2.90 -35.10 -23.76
N PHE C 309 2.90 -35.23 -22.43
CA PHE C 309 3.25 -34.10 -21.58
C PHE C 309 4.69 -33.68 -21.79
N ARG C 310 5.57 -34.63 -22.11
CA ARG C 310 6.94 -34.28 -22.47
C ARG C 310 6.97 -33.36 -23.69
N SER C 311 6.23 -33.75 -24.72
CA SER C 311 6.15 -32.91 -25.91
C SER C 311 5.55 -31.56 -25.58
N THR C 312 4.59 -31.53 -24.65
CA THR C 312 4.02 -30.25 -24.24
C THR C 312 5.08 -29.36 -23.61
N LEU C 313 5.92 -29.91 -22.74
CA LEU C 313 6.95 -29.10 -22.11
C LEU C 313 7.96 -28.60 -23.13
N GLU C 314 8.39 -29.47 -24.04
CA GLU C 314 9.33 -29.05 -25.07
C GLU C 314 8.73 -27.97 -25.96
N ASN C 315 7.45 -28.11 -26.32
CA ASN C 315 6.81 -27.09 -27.12
C ASN C 315 6.64 -25.80 -26.34
N MET C 316 6.52 -25.88 -25.01
CA MET C 316 6.53 -24.67 -24.20
C MET C 316 7.86 -23.95 -24.36
N VAL C 317 8.96 -24.70 -24.32
CA VAL C 317 10.27 -24.10 -24.54
C VAL C 317 10.33 -23.44 -25.91
N LYS C 318 9.84 -24.13 -26.93
CA LYS C 318 9.87 -23.58 -28.28
C LYS C 318 9.03 -22.32 -28.38
N TYR C 319 7.86 -22.30 -27.75
CA TYR C 319 7.00 -21.13 -27.81
C TYR C 319 7.66 -19.95 -27.12
N ASN C 320 8.33 -20.21 -26.00
CA ASN C 320 9.08 -19.16 -25.34
C ASN C 320 10.14 -18.58 -26.29
N LEU C 321 10.93 -19.46 -26.89
CA LEU C 321 11.96 -18.98 -27.80
C LEU C 321 11.40 -18.31 -29.04
N GLU C 322 10.16 -18.63 -29.41
CA GLU C 322 9.56 -18.10 -30.61
C GLU C 322 8.78 -16.81 -30.36
N ARG C 323 8.43 -16.51 -29.11
CA ARG C 323 7.75 -15.26 -28.82
C ARG C 323 8.52 -14.06 -29.36
N ILE C 324 9.86 -14.17 -29.42
CA ILE C 324 10.64 -13.11 -30.03
C ILE C 324 10.36 -13.02 -31.52
N ASP C 325 9.91 -14.12 -32.11
CA ASP C 325 9.71 -14.21 -33.56
C ASP C 325 11.00 -13.86 -34.30
N GLU D 1 29.69 49.53 -13.48
CA GLU D 1 29.07 49.81 -14.78
C GLU D 1 27.79 49.00 -14.93
N ALA D 2 26.74 49.66 -15.42
CA ALA D 2 25.44 49.01 -15.54
C ALA D 2 25.47 47.80 -16.47
N ALA D 3 26.45 47.74 -17.38
CA ALA D 3 26.59 46.55 -18.21
C ALA D 3 26.97 45.35 -17.36
N LEU D 4 27.76 45.56 -16.31
CA LEU D 4 27.92 44.51 -15.32
C LEU D 4 26.57 44.14 -14.71
N GLY D 5 25.71 45.12 -14.50
CA GLY D 5 24.42 44.84 -13.87
C GLY D 5 23.52 43.97 -14.75
N ASP D 6 23.34 44.36 -16.00
CA ASP D 6 22.47 43.55 -16.84
C ASP D 6 23.13 42.23 -17.21
N ALA D 7 24.46 42.18 -17.26
CA ALA D 7 25.13 40.90 -17.41
C ALA D 7 24.80 39.97 -16.25
N LYS D 8 24.90 40.48 -15.02
CA LYS D 8 24.66 39.62 -13.87
C LYS D 8 23.19 39.22 -13.76
N ASP D 9 22.27 40.11 -14.11
CA ASP D 9 20.88 39.67 -14.03
C ASP D 9 20.51 38.78 -15.21
N ALA D 10 21.23 38.88 -16.33
CA ALA D 10 21.09 37.87 -17.37
C ALA D 10 21.55 36.52 -16.87
N LEU D 11 22.64 36.50 -16.10
CA LEU D 11 23.04 35.27 -15.42
C LEU D 11 21.92 34.76 -14.53
N TYR D 12 21.36 35.64 -13.71
CA TYR D 12 20.25 35.25 -12.83
C TYR D 12 19.12 34.62 -13.62
N ALA D 13 18.75 35.23 -14.75
CA ALA D 13 17.67 34.71 -15.56
C ALA D 13 18.04 33.36 -16.17
N ALA D 14 19.32 33.17 -16.48
CA ALA D 14 19.73 31.90 -17.08
C ALA D 14 19.72 30.77 -16.05
N LEU D 15 20.29 31.03 -14.87
CA LEU D 15 20.58 29.96 -13.93
C LEU D 15 19.34 29.40 -13.25
N GLU D 16 18.25 30.17 -13.21
CA GLU D 16 17.07 29.75 -12.47
C GLU D 16 16.55 28.41 -13.00
N GLY D 17 15.79 27.73 -12.14
CA GLY D 17 15.15 26.48 -12.54
C GLY D 17 16.10 25.35 -12.82
N MET D 18 17.32 25.41 -12.29
CA MET D 18 18.31 24.38 -12.52
C MET D 18 18.92 23.82 -11.25
N ASN D 19 18.51 24.30 -10.08
CA ASN D 19 19.03 23.82 -8.80
C ASN D 19 20.54 23.99 -8.70
N ARG D 20 21.02 25.18 -9.04
CA ARG D 20 22.43 25.55 -8.97
C ARG D 20 23.31 24.62 -9.79
N GLY D 21 22.74 23.91 -10.75
CA GLY D 21 23.51 23.06 -11.63
C GLY D 21 24.23 21.93 -10.93
N ILE D 22 23.56 21.24 -10.03
CA ILE D 22 24.18 20.15 -9.29
C ILE D 22 23.61 18.79 -9.68
N PHE D 23 22.47 18.73 -10.33
CA PHE D 23 21.83 17.47 -10.71
C PHE D 23 21.67 17.36 -12.20
N GLY D 24 22.72 17.68 -12.94
CA GLY D 24 22.61 17.52 -14.37
C GLY D 24 22.20 18.81 -15.06
N MET D 25 22.61 18.93 -16.31
CA MET D 25 22.41 20.15 -17.07
C MET D 25 22.63 19.88 -18.54
N THR D 26 21.71 20.29 -19.39
CA THR D 26 21.88 20.04 -20.81
C THR D 26 23.09 20.80 -21.34
N SER D 27 23.62 20.32 -22.47
CA SER D 27 24.90 20.80 -22.96
C SER D 27 24.83 22.28 -23.33
N GLU D 28 23.77 22.69 -24.02
CA GLU D 28 23.72 24.05 -24.55
C GLU D 28 23.47 25.07 -23.43
N LYS D 29 22.66 24.70 -22.44
CA LYS D 29 22.44 25.61 -21.33
C LYS D 29 23.71 25.79 -20.52
N ARG D 30 24.43 24.70 -20.28
CA ARG D 30 25.74 24.80 -19.66
C ARG D 30 26.66 25.68 -20.49
N SER D 31 26.68 25.47 -21.81
CA SER D 31 27.50 26.27 -22.70
C SER D 31 27.19 27.75 -22.51
N GLU D 32 25.92 28.12 -22.53
CA GLU D 32 25.56 29.52 -22.49
C GLU D 32 25.83 30.13 -21.12
N ILE D 33 25.59 29.39 -20.04
CA ILE D 33 25.84 29.97 -18.72
C ILE D 33 27.34 30.18 -18.51
N HIS D 34 28.16 29.23 -18.96
CA HIS D 34 29.58 29.44 -18.76
C HIS D 34 30.11 30.52 -19.71
N ALA D 35 29.54 30.64 -20.90
CA ALA D 35 29.91 31.74 -21.77
C ALA D 35 29.54 33.07 -21.14
N LEU D 36 28.40 33.11 -20.45
CA LEU D 36 27.99 34.32 -19.76
C LEU D 36 28.96 34.67 -18.64
N VAL D 37 29.37 33.68 -17.85
CA VAL D 37 30.29 34.00 -16.76
C VAL D 37 31.66 34.38 -17.31
N GLU D 38 32.01 33.84 -18.48
CA GLU D 38 33.22 34.28 -19.16
C GLU D 38 33.11 35.75 -19.55
N LEU D 39 31.95 36.13 -20.09
CA LEU D 39 31.72 37.53 -20.39
C LEU D 39 31.85 38.39 -19.14
N LEU D 40 31.33 37.90 -18.02
CA LEU D 40 31.36 38.67 -16.78
C LEU D 40 32.78 38.86 -16.29
N GLU D 41 33.57 37.79 -16.25
CA GLU D 41 34.94 37.92 -15.79
C GLU D 41 35.79 38.74 -16.75
N SER D 42 35.49 38.68 -18.04
CA SER D 42 36.24 39.48 -19.00
C SER D 42 36.09 40.96 -18.71
N LYS D 43 34.86 41.41 -18.54
CA LYS D 43 34.61 42.79 -18.11
C LYS D 43 34.96 42.90 -16.62
N ASN D 44 36.24 42.75 -16.32
CA ASN D 44 36.66 42.50 -14.95
C ASN D 44 36.32 43.69 -14.05
N PRO D 45 35.63 43.47 -12.95
CA PRO D 45 35.49 44.50 -11.92
C PRO D 45 36.77 44.58 -11.12
N THR D 46 36.74 45.28 -9.98
CA THR D 46 37.91 45.50 -9.13
C THR D 46 38.78 44.25 -9.08
N PRO D 47 39.98 44.33 -9.64
CA PRO D 47 40.87 43.16 -9.65
C PRO D 47 41.64 43.01 -8.36
N GLU D 48 42.61 42.11 -8.35
CA GLU D 48 43.52 41.93 -7.22
C GLU D 48 42.75 41.52 -5.97
N PRO D 49 42.21 40.31 -5.95
CA PRO D 49 41.30 39.94 -4.85
C PRO D 49 41.97 39.90 -3.49
N THR D 50 43.26 39.57 -3.41
CA THR D 50 43.90 39.46 -2.10
C THR D 50 43.88 40.78 -1.34
N ASP D 51 43.96 41.90 -2.05
CA ASP D 51 43.90 43.19 -1.35
C ASP D 51 42.51 43.49 -0.81
N LYS D 52 41.48 42.77 -1.28
CA LYS D 52 40.10 43.03 -0.88
C LYS D 52 39.45 41.81 -0.24
N LEU D 53 40.24 40.83 0.19
CA LEU D 53 39.67 39.74 0.98
C LEU D 53 38.90 40.29 2.17
N GLN D 54 39.60 41.02 3.03
CA GLN D 54 38.96 41.69 4.16
C GLN D 54 37.88 42.65 3.70
N ASP D 55 37.98 43.16 2.47
CA ASP D 55 37.04 44.17 2.01
C ASP D 55 35.85 43.55 1.28
N LYS D 56 36.10 42.85 0.19
CA LYS D 56 35.02 42.27 -0.59
C LYS D 56 34.76 40.82 -0.18
N VAL D 57 35.82 40.07 0.06
CA VAL D 57 35.68 38.63 0.23
C VAL D 57 35.29 38.28 1.66
N ASP D 58 35.64 39.12 2.63
CA ASP D 58 35.36 38.82 4.02
C ASP D 58 33.88 38.63 4.27
N GLY D 59 33.54 37.50 4.86
CA GLY D 59 32.17 37.25 5.26
C GLY D 59 31.64 35.90 4.83
N CYS D 60 30.39 35.88 4.37
CA CYS D 60 29.70 34.66 4.03
C CYS D 60 29.22 34.72 2.59
N TRP D 61 29.01 33.54 2.01
CA TRP D 61 28.54 33.44 0.64
C TRP D 61 27.76 32.15 0.48
N ARG D 62 26.66 32.23 -0.26
CA ARG D 62 25.88 31.05 -0.61
C ARG D 62 26.13 30.71 -2.06
N LEU D 63 26.20 29.41 -2.35
CA LEU D 63 26.54 28.97 -3.70
C LEU D 63 25.33 29.14 -4.61
N VAL D 64 25.53 29.83 -5.73
CA VAL D 64 24.50 29.95 -6.73
C VAL D 64 24.75 29.04 -7.93
N TYR D 65 26.02 28.76 -8.27
CA TYR D 65 26.24 27.75 -9.30
C TYR D 65 27.67 27.24 -9.19
N SER D 66 27.85 25.99 -9.61
CA SER D 66 29.16 25.38 -9.59
C SER D 66 29.13 24.19 -10.55
N THR D 67 30.31 23.78 -10.98
CA THR D 67 30.44 22.65 -11.89
C THR D 67 30.45 21.32 -11.16
N ILE D 68 30.10 21.30 -9.88
CA ILE D 68 29.98 20.06 -9.13
C ILE D 68 28.65 19.43 -9.48
N SER D 69 28.66 18.13 -9.76
CA SER D 69 27.46 17.44 -10.19
C SER D 69 27.44 16.04 -9.62
N ILE D 70 26.43 15.74 -8.82
CA ILE D 70 26.22 14.41 -8.28
C ILE D 70 25.36 13.63 -9.27
N LEU D 71 25.87 12.51 -9.76
CA LEU D 71 25.16 11.77 -10.78
C LEU D 71 25.28 10.27 -10.55
N GLY D 72 24.25 9.55 -10.93
CA GLY D 72 24.36 8.11 -11.12
C GLY D 72 24.66 7.35 -9.85
N LYS D 73 25.79 6.63 -9.90
CA LYS D 73 26.12 5.69 -8.85
C LYS D 73 26.27 6.38 -7.50
N LYS D 74 27.01 7.48 -7.46
CA LYS D 74 27.22 8.19 -6.21
C LYS D 74 25.91 8.73 -5.65
N ARG D 75 25.08 9.30 -6.52
CA ARG D 75 23.77 9.79 -6.08
C ARG D 75 22.93 8.68 -5.51
N THR D 76 22.98 7.50 -6.12
CA THR D 76 22.20 6.37 -5.62
C THR D 76 22.72 5.88 -4.27
N LYS D 77 24.05 5.83 -4.12
CA LYS D 77 24.60 5.36 -2.86
C LYS D 77 24.28 6.31 -1.73
N LEU D 78 24.46 7.61 -1.94
CA LEU D 78 24.17 8.57 -0.89
C LEU D 78 22.69 8.75 -0.66
N GLY D 79 21.84 8.13 -1.46
CA GLY D 79 20.41 8.27 -1.29
C GLY D 79 19.96 9.68 -1.54
N LEU D 80 20.20 10.17 -2.75
CA LEU D 80 19.77 11.51 -3.12
C LEU D 80 18.70 11.51 -4.20
N ARG D 81 18.45 10.37 -4.85
CA ARG D 81 17.28 10.27 -5.70
C ARG D 81 16.03 10.58 -4.91
N ASP D 82 16.03 10.24 -3.62
CA ASP D 82 14.96 10.59 -2.71
C ASP D 82 15.50 10.52 -1.30
N PHE D 83 14.65 10.94 -0.36
CA PHE D 83 14.79 10.79 1.08
C PHE D 83 15.84 11.75 1.68
N ILE D 84 16.65 12.43 0.87
CA ILE D 84 17.59 13.41 1.40
C ILE D 84 17.74 14.51 0.37
N SER D 85 17.72 15.76 0.83
CA SER D 85 17.82 16.91 -0.04
C SER D 85 18.90 17.85 0.47
N LEU D 86 19.57 18.50 -0.47
CA LEU D 86 20.65 19.43 -0.18
C LEU D 86 20.03 20.82 -0.05
N GLY D 87 19.95 21.31 1.18
CA GLY D 87 19.42 22.64 1.40
C GLY D 87 20.18 23.66 0.58
N ASP D 88 21.44 23.87 0.91
CA ASP D 88 22.28 24.79 0.17
C ASP D 88 23.70 24.66 0.67
N PHE D 89 24.57 25.52 0.16
CA PHE D 89 26.00 25.44 0.38
C PHE D 89 26.50 26.81 0.81
N PHE D 90 27.20 26.85 1.93
CA PHE D 90 27.76 28.10 2.44
C PHE D 90 29.26 27.95 2.61
N GLN D 91 29.96 29.06 2.41
CA GLN D 91 31.41 29.07 2.44
C GLN D 91 31.92 30.29 3.22
N MET D 92 31.43 30.46 4.45
CA MET D 92 31.90 31.56 5.29
C MET D 92 33.42 31.61 5.30
N ILE D 93 33.96 32.76 4.91
CA ILE D 93 35.40 32.94 4.72
C ILE D 93 35.97 33.68 5.92
N ASP D 94 36.94 33.06 6.58
CA ASP D 94 37.62 33.65 7.72
C ASP D 94 38.98 34.19 7.31
N VAL D 95 38.98 35.39 6.74
CA VAL D 95 40.24 36.04 6.40
C VAL D 95 40.98 36.42 7.67
N LYS D 96 40.27 36.56 8.78
CA LYS D 96 40.89 37.01 10.01
C LYS D 96 41.89 35.98 10.53
N GLU D 97 41.53 34.71 10.47
CA GLU D 97 42.43 33.63 10.85
C GLU D 97 43.03 32.94 9.64
N GLU D 98 42.86 33.50 8.45
CA GLU D 98 43.32 32.86 7.21
C GLU D 98 42.70 31.48 7.05
N LYS D 99 41.46 31.33 7.50
CA LYS D 99 40.74 30.07 7.43
C LYS D 99 39.47 30.28 6.61
N ALA D 100 38.70 29.20 6.49
CA ALA D 100 37.41 29.23 5.83
C ALA D 100 36.66 27.97 6.25
N VAL D 101 35.35 27.98 6.04
CA VAL D 101 34.51 26.85 6.38
C VAL D 101 33.48 26.66 5.29
N ASN D 102 33.21 25.40 4.97
CA ASN D 102 32.13 25.03 4.08
C ASN D 102 31.13 24.22 4.89
N VAL D 103 29.92 24.73 4.99
CA VAL D 103 28.84 24.03 5.64
C VAL D 103 27.84 23.62 4.57
N ILE D 104 27.33 22.41 4.69
CA ILE D 104 26.30 21.90 3.81
C ILE D 104 25.14 21.47 4.69
N LYS D 105 23.97 22.00 4.41
CA LYS D 105 22.77 21.62 5.14
C LYS D 105 22.08 20.48 4.42
N PHE D 106 21.77 19.43 5.16
CA PHE D 106 20.99 18.32 4.65
C PHE D 106 19.63 18.33 5.32
N SER D 107 18.61 17.95 4.56
CA SER D 107 17.27 17.85 5.08
C SER D 107 16.61 16.62 4.52
N ALA D 108 15.43 16.32 5.04
CA ALA D 108 14.60 15.23 4.54
C ALA D 108 13.16 15.71 4.52
N ARG D 109 12.30 14.94 3.87
CA ARG D 109 10.90 15.33 3.75
C ARG D 109 10.25 15.16 5.12
N ALA D 110 10.62 16.05 6.05
CA ALA D 110 10.13 16.01 7.43
C ALA D 110 10.38 14.65 8.09
N LEU D 111 11.29 13.85 7.53
CA LEU D 111 11.60 12.55 8.11
C LEU D 111 11.95 12.69 9.58
N LYS D 112 12.71 13.73 9.89
CA LYS D 112 12.86 14.21 11.25
C LYS D 112 12.99 15.72 11.12
N ILE D 113 13.45 16.37 12.19
CA ILE D 113 13.85 17.77 12.11
C ILE D 113 15.27 17.90 11.58
N LEU D 114 15.80 16.83 10.97
CA LEU D 114 17.22 16.56 10.83
C LEU D 114 18.05 17.81 10.56
N SER D 115 17.78 18.50 9.45
CA SER D 115 18.41 19.78 9.15
C SER D 115 19.90 19.77 9.46
N GLY D 116 20.53 18.63 9.22
CA GLY D 116 21.89 18.44 9.65
C GLY D 116 22.87 19.34 8.94
N GLN D 117 24.04 19.46 9.54
CA GLN D 117 25.14 20.23 8.99
C GLN D 117 26.36 19.34 8.84
N LEU D 118 26.90 19.29 7.64
CA LEU D 118 28.26 18.79 7.41
C LEU D 118 29.16 20.01 7.36
N THR D 119 30.13 20.06 8.26
CA THR D 119 31.02 21.20 8.36
C THR D 119 32.44 20.75 8.06
N ILE D 120 33.08 21.44 7.13
CA ILE D 120 34.46 21.17 6.78
C ILE D 120 35.23 22.48 6.90
N GLU D 121 36.09 22.57 7.90
CA GLU D 121 36.90 23.76 8.12
C GLU D 121 38.25 23.54 7.47
N ALA D 122 38.77 24.58 6.84
CA ALA D 122 40.01 24.50 6.08
C ALA D 122 40.84 25.74 6.32
N SER D 123 42.14 25.60 6.11
CA SER D 123 43.10 26.69 6.26
C SER D 123 43.63 27.07 4.88
N TYR D 124 43.55 28.35 4.56
CA TYR D 124 43.99 28.82 3.26
C TYR D 124 45.25 29.67 3.39
N LYS D 125 45.79 30.05 2.23
CA LYS D 125 47.06 30.75 2.14
C LYS D 125 46.92 31.95 1.22
N ILE D 126 47.82 32.93 1.38
CA ILE D 126 47.74 34.15 0.60
C ILE D 126 48.68 34.07 -0.61
N THR D 127 49.04 32.85 -1.01
CA THR D 127 50.15 32.59 -1.92
C THR D 127 50.32 33.61 -3.03
N THR D 128 49.31 33.77 -3.87
CA THR D 128 49.42 34.78 -4.91
C THR D 128 48.32 35.81 -4.78
N LYS D 129 48.42 36.85 -5.61
CA LYS D 129 47.49 37.98 -5.55
C LYS D 129 46.08 37.60 -5.98
N THR D 130 45.92 36.55 -6.77
CA THR D 130 44.59 36.06 -7.12
C THR D 130 44.43 34.61 -6.70
N LYS D 131 45.40 33.77 -7.08
CA LYS D 131 45.36 32.35 -6.76
C LYS D 131 45.85 32.15 -5.32
N VAL D 132 44.87 31.99 -4.43
CA VAL D 132 45.18 31.56 -3.08
C VAL D 132 45.31 30.04 -3.07
N ASP D 133 45.80 29.51 -1.96
CA ASP D 133 45.82 28.07 -1.73
C ASP D 133 45.15 27.77 -0.40
N ILE D 134 44.55 26.60 -0.30
CA ILE D 134 43.79 26.21 0.88
C ILE D 134 43.93 24.71 1.08
N THR D 135 43.98 24.28 2.34
CA THR D 135 44.03 22.88 2.69
C THR D 135 43.06 22.59 3.82
N LEU D 136 42.59 21.34 3.86
CA LEU D 136 41.63 20.89 4.87
C LEU D 136 42.19 21.08 6.27
N ASP D 137 41.28 21.34 7.21
CA ASP D 137 41.65 21.35 8.62
C ASP D 137 40.93 20.25 9.38
N SER D 138 39.60 20.21 9.30
CA SER D 138 38.84 19.24 10.07
C SER D 138 37.43 19.14 9.51
N SER D 139 36.70 18.12 9.96
CA SER D 139 35.37 17.83 9.44
C SER D 139 34.49 17.31 10.56
N THR D 140 33.18 17.49 10.41
CA THR D 140 32.22 17.01 11.38
C THR D 140 30.84 16.93 10.75
N ILE D 141 29.99 16.08 11.33
CA ILE D 141 28.62 15.91 10.88
C ILE D 141 27.72 15.95 12.10
N THR D 142 26.74 16.86 12.09
CA THR D 142 25.80 16.92 13.18
C THR D 142 24.38 16.91 12.61
N PRO D 143 23.41 16.35 13.35
CA PRO D 143 23.55 15.62 14.60
C PRO D 143 24.00 14.19 14.40
N ASP D 144 23.74 13.35 15.40
CA ASP D 144 24.19 11.98 15.39
C ASP D 144 23.38 11.10 14.45
N GLN D 145 22.12 11.43 14.20
CA GLN D 145 21.30 10.59 13.34
C GLN D 145 21.78 10.63 11.90
N LEU D 146 22.10 11.83 11.41
CA LEU D 146 22.61 11.95 10.06
C LEU D 146 23.95 11.26 9.92
N MET D 147 24.81 11.38 10.94
CA MET D 147 26.07 10.65 10.92
C MET D 147 25.82 9.15 10.91
N ASN D 148 24.85 8.70 11.70
CA ASN D 148 24.47 7.29 11.69
C ASN D 148 24.11 6.84 10.28
N ILE D 149 23.38 7.68 9.55
CA ILE D 149 23.02 7.33 8.19
C ILE D 149 24.26 7.28 7.29
N PHE D 150 25.04 8.35 7.28
CA PHE D 150 26.12 8.51 6.31
C PHE D 150 27.40 7.78 6.66
N GLN D 151 27.46 7.12 7.82
CA GLN D 151 28.70 6.54 8.32
C GLN D 151 29.54 5.84 7.25
N LYS D 152 28.90 5.09 6.37
CA LYS D 152 29.65 4.32 5.38
C LYS D 152 30.42 5.23 4.43
N ASN D 153 29.71 6.09 3.70
CA ASN D 153 30.29 6.88 2.63
C ASN D 153 30.65 8.29 3.07
N TYR D 154 30.82 8.50 4.38
CA TYR D 154 31.44 9.73 4.88
C TYR D 154 32.66 10.13 4.07
N ASP D 155 33.51 9.16 3.73
CA ASP D 155 34.74 9.46 3.00
C ASP D 155 34.45 10.01 1.61
N MET D 156 33.58 9.33 0.86
CA MET D 156 33.22 9.82 -0.46
C MET D 156 32.57 11.19 -0.39
N LEU D 157 31.78 11.40 0.66
CA LEU D 157 31.13 12.70 0.83
C LEU D 157 32.16 13.80 1.00
N LEU D 158 33.18 13.54 1.82
CA LEU D 158 34.28 14.50 1.94
C LEU D 158 34.98 14.69 0.60
N ALA D 159 35.20 13.60 -0.12
CA ALA D 159 35.92 13.69 -1.39
C ALA D 159 35.17 14.55 -2.40
N ILE D 160 33.84 14.53 -2.34
CA ILE D 160 33.06 15.30 -3.31
C ILE D 160 33.18 16.79 -3.02
N PHE D 161 32.97 17.19 -1.77
CA PHE D 161 33.02 18.59 -1.39
C PHE D 161 34.33 18.98 -0.73
N ASN D 162 35.42 18.37 -1.16
CA ASN D 162 36.73 18.64 -0.59
C ASN D 162 37.18 20.07 -0.90
N PRO D 163 37.22 20.97 0.06
CA PRO D 163 37.50 22.38 -0.20
C PRO D 163 38.98 22.74 -0.06
N GLU D 164 39.83 22.04 -0.80
CA GLU D 164 41.26 22.33 -0.76
C GLU D 164 41.79 22.49 -2.17
N GLY D 165 43.10 22.64 -2.28
CA GLY D 165 43.75 23.00 -3.53
C GLY D 165 43.89 24.50 -3.65
N TRP D 166 44.24 24.93 -4.86
CA TRP D 166 44.34 26.35 -5.09
C TRP D 166 43.03 26.88 -5.67
N LEU D 167 42.82 28.17 -5.48
CA LEU D 167 41.63 28.86 -5.95
C LEU D 167 42.04 30.19 -6.54
N GLU D 168 41.90 30.34 -7.84
CA GLU D 168 42.03 31.64 -8.46
C GLU D 168 40.71 32.38 -8.31
N ILE D 169 40.79 33.59 -7.79
CA ILE D 169 39.63 34.42 -7.54
C ILE D 169 39.48 35.39 -8.71
N THR D 170 38.24 35.79 -8.98
CA THR D 170 37.97 36.73 -10.05
C THR D 170 36.61 37.35 -9.78
N TYR D 171 36.40 38.51 -10.39
CA TYR D 171 35.13 39.23 -10.30
C TYR D 171 34.70 39.34 -8.84
N VAL D 172 35.52 40.04 -8.06
CA VAL D 172 35.22 40.25 -6.64
C VAL D 172 34.32 41.46 -6.59
N ASP D 173 33.05 41.23 -6.85
CA ASP D 173 32.06 42.27 -6.73
C ASP D 173 31.63 42.41 -5.29
N GLU D 174 31.04 43.56 -4.98
CA GLU D 174 30.46 43.75 -3.66
C GLU D 174 29.25 42.86 -3.41
N SER D 175 28.88 42.02 -4.38
CA SER D 175 27.74 41.13 -4.23
C SER D 175 28.07 39.67 -4.47
N LEU D 176 28.94 39.37 -5.44
CA LEU D 176 29.21 37.98 -5.80
C LEU D 176 30.67 37.84 -6.18
N ARG D 177 31.04 36.63 -6.57
CA ARG D 177 32.43 36.28 -6.80
C ARG D 177 32.50 35.03 -7.66
N ILE D 178 33.51 34.98 -8.53
CA ILE D 178 33.76 33.85 -9.40
C ILE D 178 35.11 33.26 -9.01
N GLY D 179 35.24 31.94 -9.11
CA GLY D 179 36.49 31.33 -8.76
C GLY D 179 36.72 30.01 -9.44
N ARG D 180 37.93 29.82 -9.98
CA ARG D 180 38.31 28.54 -10.53
C ARG D 180 39.26 27.85 -9.56
N ASP D 181 39.27 26.52 -9.60
CA ASP D 181 40.01 25.77 -8.59
C ASP D 181 41.08 24.92 -9.26
N ASP D 182 41.83 24.21 -8.42
CA ASP D 182 42.81 23.24 -8.89
C ASP D 182 42.15 22.19 -9.76
N LYS D 183 40.92 21.81 -9.42
CA LYS D 183 40.20 20.81 -10.18
C LYS D 183 39.60 21.41 -11.44
N ALA D 184 40.01 22.64 -11.76
CA ALA D 184 39.52 23.36 -12.93
C ALA D 184 38.02 23.56 -12.87
N ASN D 185 37.41 23.28 -11.73
CA ASN D 185 35.99 23.53 -11.55
C ASN D 185 35.74 25.02 -11.47
N ILE D 186 34.48 25.40 -11.59
CA ILE D 186 34.06 26.78 -11.51
C ILE D 186 33.06 26.92 -10.37
N PHE D 187 33.18 28.00 -9.61
CA PHE D 187 32.23 28.31 -8.55
C PHE D 187 31.84 29.77 -8.69
N VAL D 188 30.56 30.02 -8.89
CA VAL D 188 30.03 31.37 -8.80
C VAL D 188 29.12 31.41 -7.59
N LEU D 189 29.36 32.39 -6.72
CA LEU D 189 28.62 32.45 -5.48
C LEU D 189 28.36 33.90 -5.11
N GLU D 190 27.35 34.11 -4.30
CA GLU D 190 26.85 35.45 -4.05
C GLU D 190 26.85 35.71 -2.56
N ARG D 191 26.91 37.00 -2.21
CA ARG D 191 26.88 37.41 -0.82
C ARG D 191 25.59 36.95 -0.16
N ALA D 192 25.56 37.06 1.15
CA ALA D 192 24.41 36.65 1.94
C ALA D 192 24.57 37.26 3.32
N ASP D 193 23.73 36.87 4.25
CA ASP D 193 23.99 37.29 5.60
C ASP D 193 24.36 36.09 6.46
N PRO D 194 25.33 36.23 7.36
CA PRO D 194 25.69 35.09 8.23
C PRO D 194 24.58 34.69 9.16
N SER D 195 23.60 35.55 9.39
CA SER D 195 22.48 35.19 10.26
C SER D 195 21.65 34.08 9.65
N GLU D 196 21.29 34.22 8.37
CA GLU D 196 20.54 33.16 7.71
C GLU D 196 21.33 31.88 7.64
N VAL D 197 22.66 31.98 7.73
CA VAL D 197 23.50 30.79 7.81
C VAL D 197 23.30 30.15 9.16
#